data_9JQT
#
_entry.id   9JQT
#
loop_
_entity.id
_entity.type
_entity.pdbx_description
1 polymer 'Cytokine receptor common subunit gamma'
2 polymer '2D4-Heavy Chain'
3 polymer '2D4-Light Chain'
4 polymer 'Anti-Fab nanobody'
#
loop_
_entity_poly.entity_id
_entity_poly.type
_entity_poly.pdbx_seq_one_letter_code
_entity_poly.pdbx_strand_id
1 'polypeptide(L)'
;LNTTILTPNGNEDTTADFFLTTMPTDSLSVSTLPLPEVQCFVFNVEYMNCTWNSSSEPQPTNLTLHYWYKNSDNDKVQKC
SHYLFSEEITSGCQLQKKEIHLYQTFVVQLQDPREPRRQATQMLKLQNLVIPWAPENLTLHKLSESQLELNWNNRFLNHC
LEHLVQYRTDWDHSWTEQSVDYRHKFSLPSVDGQKRYTFRVRSRFNPLCGSAQHWSEWSHPIHWGSNTSKENPFLFALEA
;
A
2 'polypeptide(L)'
;QVQLVQSGAEVKKPGSSVKVSCKTSGFNIEDIYLHWVRQAPGQGLEWMGRIDPANGKSNYDPKFQGRVTITADTSTSTAY
MELSSLRSEDTAVYYCAALRFFGLDYWGQGTLVTVSSASTKGPSVFPLAPCSRSTSESTAALGCLVKDYFPEPVTVSWNS
GALTSGVHTFPAVLQSSGLYSLSSVVTVPSSSLGTKTYTCNVDHKPSNTKVDKRV
;
B
3 'polypeptide(L)'
;EIVLTQSPATLSLSPGERATLSCRATSSVSYMYWYQQKPGQAPELLIYRTSNLASGIPARFSGSGSGTDYTLTISSLEPE
DFAVYYCQQWSSNPPTFGQGTKLEIKRTVAAPSVFIFPPSDEQLKSGTASVVCLLNNFYPREAKVQWKVDNALQSGNSQE
SVTEQDSKDSTYSLSSTLTLSKADYEKHKVYACEVTHQGLSSPVTKSFNRGEC
;
C
4 'polypeptide(L)'
;GSQVQLQESGGGLVQPGGSLRLSCAASGRTISRYAMSWFRQAPGKEREFVAVARRSGDGAFYADSVQGRFTVSRDDAKNT
VYLQMNSLKPEDTAVYYCAIDSDTFYSGSYDYWGQGTQVTVSSHHHHHH
;
D
#
# COMPACT_ATOMS: atom_id res chain seq x y z
N LEU A 33 -25.17 44.46 20.24
CA LEU A 33 -23.80 44.24 20.68
C LEU A 33 -23.10 43.21 19.80
N PRO A 34 -21.87 43.52 19.39
CA PRO A 34 -21.12 42.59 18.54
C PRO A 34 -20.77 41.32 19.28
N LEU A 35 -20.75 40.21 18.55
CA LEU A 35 -20.36 38.94 19.15
C LEU A 35 -18.84 38.89 19.33
N PRO A 36 -18.35 38.18 20.34
CA PRO A 36 -16.90 38.09 20.55
C PRO A 36 -16.20 37.45 19.35
N GLU A 37 -15.00 37.95 19.07
CA GLU A 37 -14.22 37.41 17.96
C GLU A 37 -13.68 36.03 18.30
N VAL A 38 -13.71 35.14 17.32
CA VAL A 38 -13.18 33.79 17.48
C VAL A 38 -11.69 33.83 17.10
N GLN A 39 -10.84 33.36 18.00
CA GLN A 39 -9.39 33.34 17.78
C GLN A 39 -8.96 31.89 17.60
N CYS A 40 -9.02 31.41 16.36
CA CYS A 40 -8.61 30.04 16.07
C CYS A 40 -7.10 29.96 15.94
N PHE A 41 -6.52 28.90 16.48
CA PHE A 41 -5.09 28.68 16.41
C PHE A 41 -4.82 27.20 16.17
N VAL A 42 -4.08 26.90 15.11
CA VAL A 42 -3.68 25.53 14.82
C VAL A 42 -2.34 25.27 15.48
N PHE A 43 -2.20 24.11 16.12
CA PHE A 43 -1.00 23.79 16.89
C PHE A 43 -0.30 22.60 16.23
N ASN A 44 0.79 22.88 15.53
CA ASN A 44 1.61 21.86 14.87
C ASN A 44 0.79 21.04 13.88
N VAL A 45 -0.27 21.64 13.34
CA VAL A 45 -1.22 20.99 12.45
C VAL A 45 -1.68 19.67 13.06
N GLU A 46 -1.84 19.66 14.38
CA GLU A 46 -2.38 18.52 15.11
C GLU A 46 -3.80 18.76 15.59
N TYR A 47 -4.04 19.89 16.27
CA TYR A 47 -5.40 20.25 16.65
C TYR A 47 -5.53 21.76 16.62
N MET A 48 -6.76 22.22 16.48
CA MET A 48 -7.10 23.64 16.40
C MET A 48 -7.92 24.00 17.63
N ASN A 49 -7.49 25.04 18.34
CA ASN A 49 -8.31 25.58 19.42
C ASN A 49 -8.89 26.92 18.99
N CYS A 50 -10.22 27.02 19.01
CA CYS A 50 -10.91 28.27 18.75
C CYS A 50 -11.50 28.79 20.05
N THR A 51 -11.28 30.08 20.32
CA THR A 51 -11.72 30.64 21.60
C THR A 51 -12.40 31.98 21.36
N TRP A 52 -13.30 32.33 22.29
CA TRP A 52 -13.96 33.62 22.27
C TRP A 52 -14.20 34.05 23.71
N ASN A 53 -14.39 35.36 23.90
CA ASN A 53 -14.62 35.93 25.22
C ASN A 53 -16.12 36.15 25.41
N SER A 54 -16.77 35.12 25.95
CA SER A 54 -18.21 35.17 26.17
C SER A 54 -18.58 36.00 27.40
N SER A 55 -17.59 36.41 28.19
CA SER A 55 -17.88 37.21 29.39
C SER A 55 -18.40 38.59 29.04
N SER A 56 -18.13 39.07 27.82
CA SER A 56 -18.58 40.40 27.43
C SER A 56 -20.10 40.49 27.36
N GLU A 57 -20.76 39.36 27.11
CA GLU A 57 -22.22 39.35 27.08
C GLU A 57 -22.76 39.59 28.48
N PRO A 58 -23.69 40.54 28.67
CA PRO A 58 -24.26 40.76 30.00
C PRO A 58 -24.98 39.53 30.55
N GLN A 59 -25.63 38.76 29.69
CA GLN A 59 -26.33 37.55 30.10
C GLN A 59 -25.52 36.34 29.68
N PRO A 60 -25.06 35.50 30.62
CA PRO A 60 -24.28 34.31 30.24
C PRO A 60 -25.02 33.42 29.26
N THR A 61 -24.48 33.30 28.05
CA THR A 61 -25.12 32.56 26.97
C THR A 61 -24.14 31.54 26.42
N ASN A 62 -24.62 30.33 26.17
CA ASN A 62 -23.80 29.26 25.60
C ASN A 62 -23.76 29.43 24.08
N LEU A 63 -22.82 30.25 23.62
CA LEU A 63 -22.69 30.51 22.19
C LEU A 63 -22.29 29.25 21.46
N THR A 64 -22.91 29.01 20.30
CA THR A 64 -22.66 27.81 19.51
C THR A 64 -21.71 28.12 18.38
N LEU A 65 -20.97 27.10 17.94
CA LEU A 65 -19.96 27.27 16.90
C LEU A 65 -20.26 26.32 15.74
N HIS A 66 -20.40 26.87 14.53
CA HIS A 66 -20.58 26.10 13.32
C HIS A 66 -19.45 26.44 12.36
N TYR A 67 -18.72 25.44 11.91
CA TYR A 67 -17.57 25.69 11.04
C TYR A 67 -17.67 24.84 9.78
N TRP A 68 -17.03 25.32 8.73
CA TRP A 68 -17.00 24.60 7.46
C TRP A 68 -15.88 25.15 6.60
N TYR A 69 -15.78 24.63 5.38
CA TYR A 69 -14.81 25.08 4.40
C TYR A 69 -15.52 25.55 3.15
N LYS A 70 -15.05 26.66 2.58
CA LYS A 70 -15.59 27.10 1.29
C LYS A 70 -15.21 26.11 0.19
N ASN A 71 -16.10 25.98 -0.78
CA ASN A 71 -15.88 25.13 -1.96
C ASN A 71 -15.54 23.71 -1.55
N SER A 72 -16.28 23.18 -0.59
CA SER A 72 -16.07 21.82 -0.11
C SER A 72 -17.10 20.87 -0.70
N ASP A 73 -16.77 19.58 -0.67
CA ASP A 73 -17.68 18.57 -1.20
C ASP A 73 -18.91 18.42 -0.32
N ASN A 74 -18.84 18.89 0.92
CA ASN A 74 -19.95 18.80 1.87
C ASN A 74 -20.54 20.18 2.07
N ASP A 75 -21.81 20.36 1.69
CA ASP A 75 -22.48 21.63 1.83
C ASP A 75 -23.06 21.86 3.22
N LYS A 76 -22.95 20.87 4.11
CA LYS A 76 -23.54 20.96 5.44
C LYS A 76 -22.48 21.43 6.42
N VAL A 77 -22.77 22.52 7.14
CA VAL A 77 -21.82 23.07 8.10
C VAL A 77 -21.67 22.11 9.26
N GLN A 78 -20.49 22.13 9.89
CA GLN A 78 -20.18 21.19 10.96
C GLN A 78 -20.44 21.85 12.30
N LYS A 79 -21.16 21.16 13.17
CA LYS A 79 -21.41 21.65 14.51
C LYS A 79 -20.29 21.21 15.45
N CYS A 80 -19.88 22.10 16.35
CA CYS A 80 -18.79 21.79 17.26
C CYS A 80 -19.22 20.71 18.25
N SER A 81 -18.36 19.72 18.44
CA SER A 81 -18.62 18.62 19.35
C SER A 81 -17.72 18.64 20.57
N HIS A 82 -16.44 18.97 20.38
CA HIS A 82 -15.49 19.06 21.49
C HIS A 82 -15.43 20.50 22.01
N TYR A 83 -16.46 20.85 22.76
CA TYR A 83 -16.57 22.20 23.29
C TYR A 83 -15.63 22.40 24.47
N LEU A 84 -15.11 23.62 24.59
CA LEU A 84 -14.33 24.01 25.76
C LEU A 84 -15.18 24.88 26.66
N PHE A 85 -15.12 24.63 27.96
CA PHE A 85 -15.98 25.31 28.93
C PHE A 85 -15.10 26.04 29.95
N SER A 86 -15.39 27.33 30.13
CA SER A 86 -14.74 28.15 31.14
C SER A 86 -15.80 29.00 31.83
N GLU A 87 -15.66 29.15 33.14
CA GLU A 87 -16.61 29.94 33.93
C GLU A 87 -18.04 29.45 33.75
N GLU A 88 -18.18 28.13 33.57
CA GLU A 88 -19.47 27.48 33.32
C GLU A 88 -20.17 28.07 32.10
N ILE A 89 -19.39 28.33 31.04
CA ILE A 89 -19.95 28.82 29.79
C ILE A 89 -19.03 28.41 28.66
N THR A 90 -19.58 28.30 27.46
CA THR A 90 -18.78 27.91 26.30
C THR A 90 -17.75 28.97 25.99
N SER A 91 -16.47 28.62 26.13
CA SER A 91 -15.38 29.51 25.82
C SER A 91 -14.72 29.22 24.48
N GLY A 92 -14.93 28.04 23.93
CA GLY A 92 -14.33 27.73 22.64
C GLY A 92 -14.66 26.32 22.20
N CYS A 93 -13.83 25.82 21.29
CA CYS A 93 -14.01 24.51 20.67
C CYS A 93 -12.64 23.98 20.27
N GLN A 94 -12.56 22.66 20.08
CA GLN A 94 -11.32 22.02 19.66
C GLN A 94 -11.62 21.12 18.47
N LEU A 95 -10.80 21.24 17.42
CA LEU A 95 -10.91 20.46 16.20
C LEU A 95 -9.69 19.55 16.06
N GLN A 96 -9.94 18.33 15.58
CA GLN A 96 -8.91 17.32 15.48
C GLN A 96 -8.16 17.46 14.15
N LYS A 97 -7.19 16.56 13.95
CA LYS A 97 -6.27 16.69 12.81
C LYS A 97 -6.99 16.57 11.47
N LYS A 98 -7.91 15.62 11.36
CA LYS A 98 -8.58 15.39 10.08
C LYS A 98 -9.55 16.50 9.71
N GLU A 99 -9.83 17.43 10.62
CA GLU A 99 -10.65 18.59 10.31
C GLU A 99 -9.84 19.79 9.85
N ILE A 100 -8.53 19.73 9.93
CA ILE A 100 -7.68 20.88 9.64
C ILE A 100 -7.15 20.74 8.22
N HIS A 101 -7.71 21.51 7.30
CA HIS A 101 -7.26 21.57 5.91
C HIS A 101 -6.60 22.94 5.71
N LEU A 102 -5.28 22.98 5.80
CA LEU A 102 -4.57 24.20 5.45
C LEU A 102 -4.74 24.47 3.96
N TYR A 103 -4.45 25.71 3.57
CA TYR A 103 -4.55 26.18 2.19
C TYR A 103 -5.98 26.16 1.67
N GLN A 104 -6.97 25.98 2.55
CA GLN A 104 -8.37 26.13 2.20
C GLN A 104 -9.02 27.09 3.19
N THR A 105 -10.04 27.79 2.73
CA THR A 105 -10.69 28.82 3.54
C THR A 105 -11.56 28.16 4.62
N PHE A 106 -11.28 28.48 5.87
CA PHE A 106 -12.05 27.98 7.01
C PHE A 106 -13.04 29.06 7.42
N VAL A 107 -14.32 28.74 7.39
CA VAL A 107 -15.36 29.69 7.77
C VAL A 107 -15.87 29.25 9.14
N VAL A 108 -15.76 30.15 10.11
CA VAL A 108 -16.23 29.91 11.47
C VAL A 108 -17.41 30.83 11.74
N GLN A 109 -18.45 30.31 12.39
CA GLN A 109 -19.66 31.07 12.66
C GLN A 109 -20.04 30.91 14.13
N LEU A 110 -19.95 31.99 14.88
CA LEU A 110 -20.47 32.04 16.24
C LEU A 110 -21.94 32.43 16.17
N GLN A 111 -22.81 31.55 16.67
CA GLN A 111 -24.24 31.74 16.60
C GLN A 111 -24.81 31.88 18.01
N ASP A 112 -25.66 32.88 18.20
CA ASP A 112 -26.29 33.12 19.49
C ASP A 112 -27.60 32.34 19.57
N PRO A 113 -27.73 31.38 20.50
CA PRO A 113 -28.95 30.60 20.65
C PRO A 113 -30.05 31.35 21.41
N ARG A 118 -28.47 36.84 15.07
CA ARG A 118 -27.21 37.38 15.58
C ARG A 118 -26.09 36.37 15.40
N GLN A 119 -25.32 36.53 14.33
CA GLN A 119 -24.22 35.62 14.03
C GLN A 119 -22.96 36.41 13.69
N ALA A 120 -21.81 35.81 13.96
CA ALA A 120 -20.51 36.41 13.65
C ALA A 120 -19.74 35.41 12.80
N THR A 121 -19.46 35.77 11.55
CA THR A 121 -18.77 34.89 10.61
C THR A 121 -17.37 35.41 10.33
N GLN A 122 -16.38 34.54 10.48
CA GLN A 122 -14.98 34.87 10.24
C GLN A 122 -14.42 33.93 9.19
N MET A 123 -13.81 34.51 8.16
CA MET A 123 -13.17 33.74 7.10
C MET A 123 -11.67 33.73 7.36
N LEU A 124 -11.09 32.54 7.52
CA LEU A 124 -9.74 32.39 8.03
C LEU A 124 -8.90 31.55 7.08
N LYS A 125 -7.60 31.79 7.08
CA LYS A 125 -6.63 30.96 6.39
C LYS A 125 -5.80 30.27 7.47
N LEU A 126 -6.08 28.99 7.71
CA LEU A 126 -5.39 28.26 8.77
C LEU A 126 -3.90 28.20 8.52
N GLN A 127 -3.47 28.37 7.26
CA GLN A 127 -2.05 28.40 6.94
C GLN A 127 -1.34 29.56 7.62
N ASN A 128 -2.07 30.65 7.89
CA ASN A 128 -1.51 31.80 8.58
C ASN A 128 -1.82 31.78 10.08
N LEU A 129 -2.40 30.70 10.57
CA LEU A 129 -2.74 30.56 11.99
C LEU A 129 -2.02 29.40 12.66
N VAL A 130 -1.19 28.65 11.93
CA VAL A 130 -0.52 27.49 12.52
C VAL A 130 0.53 27.97 13.50
N ILE A 131 0.40 27.56 14.76
CA ILE A 131 1.38 27.82 15.79
C ILE A 131 2.14 26.52 16.04
N PRO A 132 3.41 26.41 15.66
CA PRO A 132 4.14 25.17 15.87
C PRO A 132 4.44 24.96 17.36
N TRP A 133 4.71 23.71 17.71
CA TRP A 133 5.22 23.42 19.03
C TRP A 133 6.65 23.93 19.15
N ALA A 134 7.07 24.18 20.38
CA ALA A 134 8.41 24.71 20.62
C ALA A 134 9.47 23.73 20.15
N PRO A 135 10.61 24.21 19.66
CA PRO A 135 11.70 23.30 19.28
C PRO A 135 12.16 22.47 20.47
N GLU A 136 12.52 21.23 20.17
CA GLU A 136 12.83 20.22 21.18
C GLU A 136 14.28 19.77 20.99
N ASN A 137 14.85 19.21 22.06
CA ASN A 137 16.18 18.62 22.02
C ASN A 137 17.25 19.63 21.63
N LEU A 138 17.22 20.81 22.24
CA LEU A 138 18.25 21.82 21.97
C LEU A 138 19.62 21.29 22.40
N THR A 139 20.60 21.48 21.53
CA THR A 139 21.94 20.96 21.79
C THR A 139 22.97 21.88 21.14
N LEU A 140 24.00 22.23 21.91
CA LEU A 140 25.10 23.05 21.39
C LEU A 140 26.30 22.15 21.07
N HIS A 141 26.84 22.32 19.87
CA HIS A 141 28.03 21.61 19.42
C HIS A 141 29.17 22.62 19.33
N LYS A 142 30.28 22.33 19.99
CA LYS A 142 31.44 23.22 19.97
C LYS A 142 32.33 22.82 18.80
N LEU A 143 31.99 23.35 17.62
CA LEU A 143 32.80 23.09 16.43
C LEU A 143 34.21 23.64 16.60
N SER A 144 34.33 24.85 17.13
CA SER A 144 35.61 25.48 17.38
C SER A 144 35.53 26.22 18.72
N GLU A 145 36.65 26.80 19.12
CA GLU A 145 36.68 27.53 20.39
C GLU A 145 35.74 28.74 20.36
N SER A 146 35.73 29.46 19.24
CA SER A 146 34.86 30.62 19.08
C SER A 146 33.56 30.31 18.35
N GLN A 147 33.39 29.10 17.84
CA GLN A 147 32.23 28.71 17.06
C GLN A 147 31.33 27.82 17.90
N LEU A 148 30.04 28.14 17.95
CA LEU A 148 29.05 27.34 18.66
C LEU A 148 27.87 27.11 17.72
N GLU A 149 27.55 25.84 17.46
CA GLU A 149 26.44 25.49 16.57
C GLU A 149 25.28 24.99 17.41
N LEU A 150 24.24 25.81 17.51
CA LEU A 150 23.02 25.38 18.16
C LEU A 150 22.13 24.63 17.17
N ASN A 151 21.68 23.45 17.56
CA ASN A 151 20.81 22.61 16.75
C ASN A 151 19.63 22.17 17.60
N TRP A 152 18.43 22.18 17.01
CA TRP A 152 17.21 21.80 17.71
C TRP A 152 16.38 20.89 16.81
N ASN A 153 15.65 19.96 17.43
CA ASN A 153 14.74 19.08 16.73
C ASN A 153 13.32 19.59 16.90
N ASN A 154 12.69 19.93 15.77
CA ASN A 154 11.33 20.43 15.78
C ASN A 154 10.35 19.29 15.52
N ARG A 155 9.14 19.44 16.05
CA ARG A 155 8.11 18.41 15.98
C ARG A 155 7.28 18.52 14.71
N PHE A 156 7.67 19.40 13.79
CA PHE A 156 7.00 19.55 12.51
C PHE A 156 8.07 19.71 11.43
N LEU A 157 7.65 19.53 10.18
CA LEU A 157 8.54 19.64 9.03
C LEU A 157 9.40 20.90 9.10
N ASN A 158 10.71 20.73 9.00
CA ASN A 158 11.63 21.85 9.20
C ASN A 158 11.54 22.87 8.09
N HIS A 159 11.19 22.45 6.87
CA HIS A 159 11.17 23.40 5.75
C HIS A 159 10.07 24.44 5.93
N CYS A 160 8.92 24.03 6.47
CA CYS A 160 7.82 24.96 6.68
C CYS A 160 8.08 25.94 7.82
N LEU A 161 9.12 25.76 8.62
CA LEU A 161 9.35 26.52 9.83
C LEU A 161 10.59 27.41 9.70
N GLU A 162 10.44 28.68 10.02
CA GLU A 162 11.57 29.58 10.21
C GLU A 162 11.74 29.81 11.70
N HIS A 163 12.96 29.70 12.19
CA HIS A 163 13.23 29.77 13.62
C HIS A 163 13.77 31.14 13.98
N LEU A 164 13.71 31.47 15.27
CA LEU A 164 14.31 32.74 15.76
C LEU A 164 15.11 32.41 17.03
N VAL A 165 16.44 32.40 16.92
CA VAL A 165 17.31 32.02 18.07
C VAL A 165 17.62 33.27 18.91
N GLN A 166 17.28 33.25 20.20
CA GLN A 166 17.63 34.38 21.09
C GLN A 166 18.74 33.92 22.04
N TYR A 167 19.90 34.56 22.00
CA TYR A 167 20.97 34.20 22.92
C TYR A 167 21.23 35.36 23.87
N ARG A 168 21.57 35.01 25.11
CA ARG A 168 21.76 35.98 26.18
C ARG A 168 23.09 35.70 26.87
N THR A 169 23.74 36.78 27.29
CA THR A 169 25.00 36.74 28.01
C THR A 169 24.77 37.35 29.39
N ASP A 170 25.68 37.02 30.33
CA ASP A 170 25.59 37.58 31.67
C ASP A 170 25.64 39.11 31.62
N TRP A 171 26.44 39.66 30.71
CA TRP A 171 26.46 41.11 30.51
C TRP A 171 25.42 41.57 29.49
N ASP A 172 25.25 40.82 28.40
CA ASP A 172 24.25 41.14 27.39
C ASP A 172 22.89 40.60 27.83
N HIS A 173 22.26 41.34 28.75
CA HIS A 173 20.98 40.91 29.29
C HIS A 173 19.90 40.90 28.22
N SER A 174 19.98 41.83 27.26
CA SER A 174 19.03 41.85 26.16
C SER A 174 19.23 40.61 25.28
N TRP A 175 18.12 39.93 24.99
CA TRP A 175 18.16 38.69 24.22
C TRP A 175 18.44 39.03 22.75
N THR A 176 19.67 38.76 22.31
CA THR A 176 20.02 39.03 20.92
C THR A 176 19.33 38.03 20.00
N GLU A 177 18.68 38.57 18.96
CA GLU A 177 17.87 37.78 18.04
C GLU A 177 18.60 37.60 16.73
N GLN A 178 18.62 36.37 16.23
CA GLN A 178 19.05 36.09 14.85
C GLN A 178 18.09 35.08 14.23
N SER A 179 17.26 35.57 13.31
CA SER A 179 16.37 34.68 12.57
C SER A 179 17.17 33.70 11.73
N VAL A 180 16.71 32.44 11.73
CA VAL A 180 17.35 31.34 11.03
C VAL A 180 16.32 30.72 10.09
N ASP A 181 16.79 30.33 8.91
CA ASP A 181 15.89 29.83 7.88
C ASP A 181 15.50 28.39 8.20
N TYR A 182 14.90 27.70 7.23
CA TYR A 182 14.40 26.34 7.46
C TYR A 182 15.51 25.40 7.93
N ARG A 183 16.75 25.68 7.56
CA ARG A 183 17.87 24.91 8.07
C ARG A 183 18.11 25.25 9.53
N HIS A 184 17.89 24.29 10.42
CA HIS A 184 17.90 24.54 11.85
C HIS A 184 19.32 24.35 12.40
N LYS A 185 20.19 25.27 12.01
CA LYS A 185 21.59 25.27 12.47
C LYS A 185 22.00 26.72 12.66
N PHE A 186 22.16 27.14 13.91
CA PHE A 186 22.55 28.52 14.22
C PHE A 186 24.02 28.50 14.65
N SER A 187 24.90 29.01 13.78
CA SER A 187 26.33 28.95 14.01
C SER A 187 26.83 30.33 14.43
N LEU A 188 27.05 30.51 15.73
CA LEU A 188 27.66 31.73 16.23
C LEU A 188 29.17 31.64 16.07
N PRO A 189 29.78 32.55 15.31
CA PRO A 189 31.23 32.46 15.09
C PRO A 189 32.07 33.15 16.15
N SER A 190 31.46 33.92 17.04
CA SER A 190 32.19 34.66 18.08
C SER A 190 31.53 34.37 19.43
N VAL A 191 32.12 33.44 20.19
CA VAL A 191 31.64 33.09 21.51
C VAL A 191 32.79 33.19 22.49
N ASP A 192 32.45 33.29 23.77
CA ASP A 192 33.43 33.38 24.85
C ASP A 192 33.15 32.26 25.85
N GLY A 193 34.18 31.46 26.17
CA GLY A 193 34.00 30.41 27.15
C GLY A 193 33.67 30.94 28.53
N GLN A 194 34.25 32.09 28.90
CA GLN A 194 33.94 32.70 30.18
C GLN A 194 32.48 33.10 30.26
N LYS A 195 31.94 33.63 29.16
CA LYS A 195 30.55 34.07 29.13
C LYS A 195 29.61 32.88 29.25
N ARG A 196 28.55 33.05 30.03
CA ARG A 196 27.56 32.00 30.24
C ARG A 196 26.43 32.19 29.23
N TYR A 197 26.62 31.59 28.05
CA TYR A 197 25.69 31.79 26.96
C TYR A 197 24.42 30.98 27.18
N THR A 198 23.27 31.64 27.06
CA THR A 198 21.96 30.99 27.17
C THR A 198 21.25 31.10 25.83
N PHE A 199 20.69 29.99 25.36
CA PHE A 199 20.05 29.95 24.05
C PHE A 199 18.60 29.48 24.18
N ARG A 200 17.71 30.12 23.40
CA ARG A 200 16.29 29.70 23.37
C ARG A 200 15.77 29.91 21.94
N VAL A 201 14.96 28.98 21.42
CA VAL A 201 14.52 29.08 20.00
C VAL A 201 12.99 29.06 19.90
N ARG A 202 12.41 29.89 19.03
CA ARG A 202 10.94 29.85 18.79
C ARG A 202 10.71 29.72 17.28
N SER A 203 9.94 28.71 16.86
CA SER A 203 9.69 28.49 15.44
C SER A 203 8.48 29.31 14.98
N ARG A 204 8.28 29.33 13.66
CA ARG A 204 7.11 29.97 13.08
C ARG A 204 6.81 29.33 11.74
N PHE A 205 5.52 29.17 11.46
CA PHE A 205 5.04 28.64 10.18
C PHE A 205 5.17 29.77 9.16
N ASN A 206 6.36 29.85 8.55
CA ASN A 206 6.79 31.02 7.76
C ASN A 206 8.10 30.69 7.04
N PRO A 207 8.35 31.17 5.80
CA PRO A 207 7.28 31.64 4.93
C PRO A 207 6.90 30.63 3.85
N LEU A 208 7.56 29.47 3.85
CA LEU A 208 7.54 28.55 2.68
C LEU A 208 6.13 27.94 2.53
N CYS A 209 5.54 27.47 3.62
CA CYS A 209 4.28 26.71 3.55
C CYS A 209 3.11 27.60 4.01
N GLY A 210 3.40 28.68 4.74
CA GLY A 210 2.34 29.60 5.12
C GLY A 210 2.96 30.86 5.67
N SER A 211 2.14 31.91 5.78
CA SER A 211 2.62 33.23 6.19
C SER A 211 2.18 33.57 7.61
N ALA A 212 2.20 32.59 8.51
CA ALA A 212 1.77 32.81 9.88
C ALA A 212 2.71 33.77 10.60
N GLN A 213 2.13 34.75 11.28
CA GLN A 213 2.90 35.76 12.00
C GLN A 213 2.92 35.50 13.50
N HIS A 214 2.37 34.39 13.96
CA HIS A 214 2.33 34.06 15.39
C HIS A 214 3.51 33.15 15.70
N TRP A 215 4.48 33.68 16.44
CA TRP A 215 5.64 32.90 16.83
C TRP A 215 5.23 31.81 17.82
N SER A 216 5.96 30.71 17.79
CA SER A 216 5.70 29.62 18.73
C SER A 216 6.19 29.99 20.12
N GLU A 217 5.82 29.18 21.09
CA GLU A 217 6.30 29.36 22.46
C GLU A 217 7.79 29.10 22.53
N TRP A 218 8.47 29.86 23.40
CA TRP A 218 9.91 29.69 23.57
C TRP A 218 10.22 28.31 24.12
N SER A 219 11.27 27.69 23.60
CA SER A 219 11.75 26.44 24.15
C SER A 219 12.45 26.68 25.49
N HIS A 220 12.71 25.59 26.18
CA HIS A 220 13.44 25.68 27.44
C HIS A 220 14.88 26.13 27.16
N PRO A 221 15.33 27.24 27.74
CA PRO A 221 16.67 27.74 27.44
C PRO A 221 17.74 26.77 27.90
N ILE A 222 18.82 26.70 27.13
CA ILE A 222 19.95 25.83 27.44
C ILE A 222 21.16 26.71 27.73
N HIS A 223 21.94 26.34 28.73
CA HIS A 223 23.06 27.14 29.19
C HIS A 223 24.39 26.50 28.80
N TRP A 224 25.40 27.35 28.65
CA TRP A 224 26.73 26.90 28.23
C TRP A 224 27.80 27.77 28.89
N VAL B 2 -13.25 10.23 17.09
CA VAL B 2 -13.82 10.28 15.76
C VAL B 2 -13.54 8.98 15.01
N GLN B 3 -14.52 8.08 15.00
CA GLN B 3 -14.34 6.77 14.40
C GLN B 3 -15.67 6.30 13.81
N LEU B 4 -15.56 5.37 12.86
CA LEU B 4 -16.70 4.60 12.37
C LEU B 4 -16.44 3.14 12.77
N VAL B 5 -17.35 2.58 13.55
CA VAL B 5 -17.22 1.22 14.05
C VAL B 5 -18.29 0.37 13.39
N GLN B 6 -17.88 -0.70 12.71
CA GLN B 6 -18.84 -1.54 12.02
C GLN B 6 -19.05 -2.85 12.78
N SER B 7 -20.10 -3.57 12.37
CA SER B 7 -20.42 -4.84 13.00
C SER B 7 -19.38 -5.89 12.61
N GLY B 8 -19.50 -7.06 13.25
CA GLY B 8 -18.55 -8.13 13.00
C GLY B 8 -18.82 -8.86 11.70
N ALA B 9 -17.86 -9.72 11.33
CA ALA B 9 -17.99 -10.52 10.12
C ALA B 9 -19.18 -11.46 10.22
N GLU B 10 -19.85 -11.66 9.08
CA GLU B 10 -21.05 -12.49 9.03
C GLU B 10 -20.90 -13.53 7.93
N VAL B 11 -21.19 -14.79 8.27
CA VAL B 11 -21.24 -15.86 7.29
C VAL B 11 -22.71 -16.13 6.99
N LYS B 12 -23.10 -15.86 5.74
CA LYS B 12 -24.49 -15.95 5.31
C LYS B 12 -24.66 -17.01 4.25
N LYS B 13 -25.89 -17.46 4.09
CA LYS B 13 -26.25 -18.42 3.06
C LYS B 13 -26.83 -17.71 1.85
N PRO B 14 -26.70 -18.29 0.66
CA PRO B 14 -27.25 -17.65 -0.54
C PRO B 14 -28.76 -17.48 -0.44
N GLY B 15 -29.25 -16.36 -0.97
CA GLY B 15 -30.65 -16.03 -0.93
C GLY B 15 -31.12 -15.33 0.33
N SER B 16 -30.23 -15.13 1.31
CA SER B 16 -30.58 -14.47 2.55
C SER B 16 -30.28 -12.97 2.42
N SER B 17 -30.30 -12.26 3.56
CA SER B 17 -29.98 -10.85 3.61
C SER B 17 -28.98 -10.60 4.73
N VAL B 18 -28.14 -9.59 4.54
CA VAL B 18 -27.14 -9.21 5.54
C VAL B 18 -27.31 -7.72 5.84
N LYS B 19 -27.32 -7.37 7.12
CA LYS B 19 -27.44 -5.98 7.56
C LYS B 19 -26.15 -5.59 8.24
N VAL B 20 -25.39 -4.71 7.62
CA VAL B 20 -24.14 -4.20 8.17
C VAL B 20 -24.42 -2.85 8.81
N SER B 21 -23.93 -2.66 10.03
CA SER B 21 -24.12 -1.41 10.76
C SER B 21 -22.80 -0.65 10.83
N CYS B 22 -22.92 0.67 10.95
CA CYS B 22 -21.79 1.58 11.05
C CYS B 22 -22.17 2.68 12.04
N LYS B 23 -21.60 2.60 13.24
CA LYS B 23 -21.86 3.60 14.26
C LYS B 23 -20.75 4.65 14.26
N THR B 24 -21.14 5.92 14.25
CA THR B 24 -20.20 7.02 14.16
C THR B 24 -20.03 7.68 15.52
N SER B 25 -18.78 7.99 15.86
CA SER B 25 -18.46 8.72 17.08
C SER B 25 -17.49 9.84 16.74
N GLY B 26 -17.55 10.90 17.54
CA GLY B 26 -16.72 12.07 17.34
C GLY B 26 -17.34 13.14 16.48
N PHE B 27 -18.46 12.87 15.83
CA PHE B 27 -19.21 13.90 15.11
C PHE B 27 -20.66 13.46 15.03
N ASN B 28 -21.47 14.28 14.38
CA ASN B 28 -22.88 14.01 14.20
C ASN B 28 -23.11 13.23 12.92
N ILE B 29 -23.96 12.21 12.99
CA ILE B 29 -24.25 11.40 11.81
C ILE B 29 -24.94 12.23 10.74
N GLU B 30 -25.83 13.14 11.15
CA GLU B 30 -26.62 13.88 10.18
C GLU B 30 -25.82 15.02 9.55
N ASP B 31 -24.60 15.26 9.99
CA ASP B 31 -23.78 16.35 9.48
C ASP B 31 -22.85 15.93 8.35
N ILE B 32 -22.90 14.66 7.95
CA ILE B 32 -21.98 14.08 6.98
C ILE B 32 -22.80 13.41 5.88
N TYR B 33 -22.09 12.86 4.88
CA TYR B 33 -22.69 11.97 3.90
C TYR B 33 -22.04 10.60 4.05
N LEU B 34 -22.85 9.57 4.27
CA LEU B 34 -22.30 8.24 4.54
C LEU B 34 -22.41 7.36 3.30
N HIS B 35 -21.26 6.94 2.79
CA HIS B 35 -21.22 6.14 1.54
C HIS B 35 -20.92 4.70 1.90
N TRP B 36 -21.41 3.77 1.09
CA TRP B 36 -21.12 2.34 1.31
C TRP B 36 -20.31 1.84 0.13
N VAL B 37 -19.15 1.27 0.40
CA VAL B 37 -18.23 0.82 -0.64
C VAL B 37 -17.78 -0.59 -0.30
N ARG B 38 -17.95 -1.52 -1.23
CA ARG B 38 -17.53 -2.90 -0.99
C ARG B 38 -16.29 -3.23 -1.80
N GLN B 39 -15.49 -4.15 -1.27
CA GLN B 39 -14.28 -4.64 -1.94
C GLN B 39 -14.29 -6.16 -1.89
N ALA B 40 -14.39 -6.79 -3.06
CA ALA B 40 -14.31 -8.23 -3.14
C ALA B 40 -12.89 -8.70 -2.84
N PRO B 41 -12.71 -9.93 -2.33
CA PRO B 41 -11.35 -10.39 -2.00
C PRO B 41 -10.42 -10.40 -3.20
N GLY B 42 -9.31 -9.67 -3.09
CA GLY B 42 -8.40 -9.52 -4.21
C GLY B 42 -8.97 -8.76 -5.38
N GLN B 43 -9.82 -7.77 -5.11
CA GLN B 43 -10.43 -6.94 -6.15
C GLN B 43 -10.39 -5.48 -5.71
N GLY B 44 -10.86 -4.60 -6.59
CA GLY B 44 -10.84 -3.18 -6.32
C GLY B 44 -12.06 -2.70 -5.57
N LEU B 45 -12.00 -1.43 -5.15
CA LEU B 45 -13.12 -0.82 -4.45
C LEU B 45 -14.32 -0.68 -5.36
N GLU B 46 -15.50 -0.91 -4.82
CA GLU B 46 -16.74 -0.89 -5.59
C GLU B 46 -17.79 -0.13 -4.80
N TRP B 47 -18.13 1.07 -5.25
CA TRP B 47 -19.11 1.90 -4.56
C TRP B 47 -20.50 1.28 -4.66
N MET B 48 -21.20 1.20 -3.53
CA MET B 48 -22.54 0.55 -3.51
C MET B 48 -23.65 1.61 -3.40
N GLY B 49 -23.52 2.54 -2.45
CA GLY B 49 -24.58 3.55 -2.26
C GLY B 49 -24.17 4.69 -1.35
N ARG B 50 -25.10 5.63 -1.11
CA ARG B 50 -24.81 6.80 -0.23
C ARG B 50 -26.10 7.20 0.50
N ILE B 51 -25.99 7.96 1.59
CA ILE B 51 -27.20 8.46 2.30
C ILE B 51 -26.89 9.80 2.99
N ASP B 52 -27.84 10.74 2.97
CA ASP B 52 -27.68 12.00 3.73
C ASP B 52 -28.45 11.80 5.03
N PRO B 53 -27.82 11.35 6.13
CA PRO B 53 -28.57 11.01 7.35
C PRO B 53 -29.53 12.09 7.83
N ALA B 54 -29.25 13.35 7.52
CA ALA B 54 -30.13 14.44 7.97
C ALA B 54 -31.50 14.33 7.33
N ASN B 55 -31.55 14.06 6.03
CA ASN B 55 -32.80 14.00 5.28
C ASN B 55 -33.30 12.58 5.07
N GLY B 56 -32.43 11.59 5.16
CA GLY B 56 -32.80 10.21 4.90
C GLY B 56 -32.82 9.81 3.45
N LYS B 57 -32.34 10.67 2.55
CA LYS B 57 -32.33 10.36 1.13
C LYS B 57 -31.11 9.51 0.78
N SER B 58 -31.35 8.44 0.03
CA SER B 58 -30.32 7.47 -0.32
C SER B 58 -30.20 7.36 -1.83
N ASN B 59 -28.96 7.32 -2.31
CA ASN B 59 -28.66 7.11 -3.72
C ASN B 59 -27.91 5.79 -3.87
N TYR B 60 -28.38 4.94 -4.76
CA TYR B 60 -27.83 3.60 -4.92
C TYR B 60 -27.19 3.42 -6.29
N ASP B 61 -26.09 2.69 -6.31
CA ASP B 61 -25.45 2.33 -7.56
C ASP B 61 -26.38 1.42 -8.36
N PRO B 62 -26.51 1.63 -9.69
CA PRO B 62 -27.47 0.83 -10.47
C PRO B 62 -27.27 -0.67 -10.38
N LYS B 63 -26.04 -1.11 -10.07
CA LYS B 63 -25.80 -2.54 -9.89
C LYS B 63 -26.60 -3.11 -8.73
N PHE B 64 -26.71 -2.36 -7.64
CA PHE B 64 -27.45 -2.80 -6.45
C PHE B 64 -28.77 -2.07 -6.25
N GLN B 65 -29.26 -1.35 -7.27
CA GLN B 65 -30.40 -0.46 -7.06
C GLN B 65 -31.62 -1.22 -6.52
N GLY B 66 -31.78 -2.47 -6.94
CA GLY B 66 -32.89 -3.27 -6.47
C GLY B 66 -32.66 -4.00 -5.15
N ARG B 67 -31.40 -4.26 -4.80
CA ARG B 67 -31.11 -5.17 -3.70
C ARG B 67 -30.66 -4.50 -2.42
N VAL B 68 -29.93 -3.38 -2.50
CA VAL B 68 -29.35 -2.76 -1.32
C VAL B 68 -30.31 -1.69 -0.80
N THR B 69 -30.34 -1.52 0.52
CA THR B 69 -31.13 -0.47 1.16
C THR B 69 -30.30 0.13 2.27
N ILE B 70 -30.07 1.43 2.22
CA ILE B 70 -29.24 2.13 3.20
C ILE B 70 -30.15 3.05 4.00
N THR B 71 -30.12 2.89 5.32
CA THR B 71 -30.93 3.69 6.23
C THR B 71 -30.04 4.26 7.32
N ALA B 72 -30.58 5.23 8.07
CA ALA B 72 -29.83 5.89 9.13
C ALA B 72 -30.73 6.13 10.33
N ASP B 73 -30.11 6.14 11.51
CA ASP B 73 -30.77 6.47 12.77
C ASP B 73 -29.92 7.57 13.41
N THR B 74 -30.47 8.79 13.42
CA THR B 74 -29.77 9.92 14.01
C THR B 74 -29.80 9.88 15.52
N SER B 75 -30.82 9.24 16.11
CA SER B 75 -30.89 9.13 17.56
C SER B 75 -29.72 8.32 18.11
N THR B 76 -29.41 7.19 17.47
CA THR B 76 -28.29 6.36 17.88
C THR B 76 -27.02 6.67 17.08
N SER B 77 -27.12 7.54 16.08
CA SER B 77 -26.00 7.92 15.22
C SER B 77 -25.37 6.69 14.57
N THR B 78 -26.21 5.87 13.95
CA THR B 78 -25.75 4.63 13.31
C THR B 78 -26.48 4.44 11.99
N ALA B 79 -25.76 4.02 10.97
CA ALA B 79 -26.36 3.74 9.67
C ALA B 79 -26.29 2.25 9.36
N TYR B 80 -27.22 1.79 8.54
CA TYR B 80 -27.32 0.39 8.15
C TYR B 80 -27.34 0.25 6.64
N MET B 81 -26.69 -0.80 6.15
CA MET B 81 -26.76 -1.22 4.76
C MET B 81 -27.26 -2.66 4.74
N GLU B 82 -28.42 -2.89 4.13
CA GLU B 82 -29.01 -4.21 4.04
C GLU B 82 -28.96 -4.69 2.60
N LEU B 83 -28.28 -5.80 2.37
CA LEU B 83 -28.18 -6.41 1.05
C LEU B 83 -28.97 -7.71 1.06
N SER B 84 -29.95 -7.80 0.16
CA SER B 84 -30.83 -8.96 0.09
C SER B 84 -30.48 -9.82 -1.12
N SER B 85 -31.09 -10.99 -1.20
CA SER B 85 -30.86 -11.95 -2.28
C SER B 85 -29.36 -12.23 -2.42
N LEU B 86 -28.73 -12.56 -1.31
CA LEU B 86 -27.29 -12.71 -1.26
C LEU B 86 -26.82 -13.83 -2.19
N ARG B 87 -25.70 -13.59 -2.86
CA ARG B 87 -25.09 -14.54 -3.77
C ARG B 87 -23.64 -14.73 -3.35
N SER B 88 -23.02 -15.80 -3.87
CA SER B 88 -21.61 -16.04 -3.56
C SER B 88 -20.73 -14.94 -4.13
N GLU B 89 -21.24 -14.17 -5.10
CA GLU B 89 -20.51 -13.03 -5.65
C GLU B 89 -20.53 -11.85 -4.69
N ASP B 90 -21.32 -11.93 -3.62
CA ASP B 90 -21.43 -10.85 -2.64
C ASP B 90 -20.48 -11.02 -1.47
N THR B 91 -19.64 -12.05 -1.47
CA THR B 91 -18.61 -12.21 -0.44
C THR B 91 -17.59 -11.09 -0.59
N ALA B 92 -17.55 -10.17 0.36
CA ALA B 92 -16.70 -9.00 0.24
C ALA B 92 -16.57 -8.32 1.59
N VAL B 93 -15.65 -7.35 1.65
CA VAL B 93 -15.50 -6.50 2.82
C VAL B 93 -16.25 -5.20 2.53
N TYR B 94 -17.23 -4.88 3.36
CA TYR B 94 -18.07 -3.71 3.17
C TYR B 94 -17.61 -2.61 4.12
N TYR B 95 -17.22 -1.47 3.55
CA TYR B 95 -16.76 -0.32 4.31
C TYR B 95 -17.83 0.76 4.29
N CYS B 96 -17.97 1.44 5.42
CA CYS B 96 -18.69 2.70 5.49
C CYS B 96 -17.66 3.81 5.49
N ALA B 97 -17.80 4.74 4.55
CA ALA B 97 -16.96 5.92 4.46
C ALA B 97 -17.80 7.14 4.74
N ALA B 98 -17.16 8.21 5.21
CA ALA B 98 -17.84 9.44 5.55
C ALA B 98 -17.24 10.59 4.77
N LEU B 99 -18.11 11.38 4.14
CA LEU B 99 -17.74 12.65 3.54
C LEU B 99 -18.12 13.73 4.55
N ARG B 100 -17.11 14.39 5.09
CA ARG B 100 -17.27 15.52 6.01
C ARG B 100 -16.83 16.83 5.38
N PHE B 101 -15.60 16.92 4.87
CA PHE B 101 -15.17 18.12 4.17
C PHE B 101 -14.82 17.84 2.71
N PHE B 102 -13.85 16.95 2.47
CA PHE B 102 -13.32 16.71 1.13
C PHE B 102 -13.08 15.22 0.95
N GLY B 103 -13.71 14.65 -0.07
CA GLY B 103 -13.55 13.24 -0.35
C GLY B 103 -14.15 12.36 0.73
N LEU B 104 -13.70 11.11 0.74
CA LEU B 104 -14.09 10.16 1.79
C LEU B 104 -13.10 10.31 2.94
N ASP B 105 -13.37 11.29 3.79
CA ASP B 105 -12.47 11.61 4.89
C ASP B 105 -12.23 10.40 5.80
N TYR B 106 -13.32 9.84 6.33
CA TYR B 106 -13.27 8.77 7.30
C TYR B 106 -13.80 7.46 6.74
N TRP B 107 -13.16 6.36 7.11
CA TRP B 107 -13.52 5.04 6.64
C TRP B 107 -13.74 4.10 7.82
N GLY B 108 -14.71 3.19 7.67
CA GLY B 108 -14.88 2.13 8.63
C GLY B 108 -13.83 1.05 8.47
N GLN B 109 -13.68 0.21 9.51
CA GLN B 109 -12.68 -0.85 9.44
C GLN B 109 -13.07 -1.92 8.45
N GLY B 110 -14.33 -2.02 8.07
CA GLY B 110 -14.78 -3.01 7.11
C GLY B 110 -15.39 -4.24 7.77
N THR B 111 -16.53 -4.68 7.26
CA THR B 111 -17.20 -5.88 7.74
C THR B 111 -17.13 -6.95 6.66
N LEU B 112 -16.55 -8.09 6.98
CA LEU B 112 -16.44 -9.17 6.01
C LEU B 112 -17.73 -9.98 5.98
N VAL B 113 -18.36 -10.05 4.81
CA VAL B 113 -19.56 -10.84 4.61
C VAL B 113 -19.17 -11.96 3.67
N THR B 114 -19.21 -13.20 4.19
CA THR B 114 -18.87 -14.39 3.42
C THR B 114 -20.16 -15.14 3.12
N VAL B 115 -20.54 -15.18 1.85
CA VAL B 115 -21.77 -15.84 1.43
C VAL B 115 -21.41 -17.23 0.91
N SER B 116 -21.88 -18.26 1.60
CA SER B 116 -21.61 -19.63 1.18
C SER B 116 -22.65 -20.54 1.81
N SER B 117 -23.00 -21.59 1.08
CA SER B 117 -23.96 -22.59 1.56
C SER B 117 -23.30 -23.65 2.45
N ALA B 118 -21.98 -23.67 2.53
CA ALA B 118 -21.29 -24.64 3.36
C ALA B 118 -21.48 -24.33 4.83
N SER B 119 -21.35 -25.36 5.66
CA SER B 119 -21.47 -25.25 7.10
C SER B 119 -20.10 -25.41 7.74
N THR B 120 -20.02 -25.04 9.02
CA THR B 120 -18.76 -25.07 9.75
C THR B 120 -18.17 -26.48 9.77
N LYS B 121 -16.99 -26.62 9.16
CA LYS B 121 -16.31 -27.94 9.12
C LYS B 121 -14.88 -27.79 9.63
N GLY B 122 -14.40 -28.74 10.43
CA GLY B 122 -13.01 -28.70 10.93
C GLY B 122 -12.01 -29.00 9.83
N PRO B 123 -10.78 -28.47 9.90
CA PRO B 123 -9.82 -28.66 8.82
C PRO B 123 -9.20 -30.05 8.81
N SER B 124 -8.88 -30.55 7.62
CA SER B 124 -8.18 -31.86 7.52
C SER B 124 -6.71 -31.59 7.20
N VAL B 125 -5.80 -31.92 8.12
CA VAL B 125 -4.36 -31.59 7.91
C VAL B 125 -3.63 -32.82 7.36
N PHE B 126 -3.05 -32.68 6.16
CA PHE B 126 -2.28 -33.79 5.54
C PHE B 126 -0.82 -33.36 5.41
N PRO B 127 0.15 -34.25 5.74
CA PRO B 127 1.56 -33.90 5.68
C PRO B 127 2.05 -33.74 4.24
N LEU B 128 2.80 -32.67 3.97
CA LEU B 128 3.39 -32.47 2.63
C LEU B 128 4.91 -32.69 2.74
N ALA B 129 5.40 -33.84 2.26
CA ALA B 129 6.84 -34.18 2.38
C ALA B 129 7.36 -34.68 1.04
N PRO B 130 8.63 -34.38 0.69
CA PRO B 130 9.21 -34.88 -0.57
C PRO B 130 9.29 -36.39 -0.58
N GLU B 137 18.57 -30.82 -2.97
CA GLU B 137 19.09 -29.49 -2.55
C GLU B 137 19.57 -29.57 -1.10
N SER B 138 20.47 -28.66 -0.70
CA SER B 138 20.92 -28.61 0.71
C SER B 138 19.76 -28.22 1.62
N THR B 139 18.78 -27.48 1.07
CA THR B 139 17.60 -27.06 1.86
C THR B 139 16.38 -27.78 1.32
N ALA B 140 15.64 -28.48 2.19
CA ALA B 140 14.41 -29.19 1.77
C ALA B 140 13.18 -28.39 2.23
N ALA B 141 12.01 -28.72 1.69
CA ALA B 141 10.76 -28.02 2.08
C ALA B 141 9.76 -29.01 2.68
N LEU B 142 9.19 -28.66 3.84
CA LEU B 142 8.15 -29.52 4.45
C LEU B 142 6.87 -28.66 4.58
N GLY B 143 5.69 -29.27 4.57
CA GLY B 143 4.48 -28.46 4.75
C GLY B 143 3.31 -29.26 5.25
N CYS B 144 2.22 -28.58 5.63
CA CYS B 144 0.97 -29.29 6.03
C CYS B 144 -0.17 -28.78 5.14
N LEU B 145 -0.93 -29.70 4.53
CA LEU B 145 -2.05 -29.31 3.64
C LEU B 145 -3.34 -29.17 4.46
N VAL B 146 -3.74 -27.94 4.79
CA VAL B 146 -5.03 -27.72 5.50
C VAL B 146 -6.12 -27.78 4.42
N LYS B 147 -7.04 -28.75 4.51
CA LYS B 147 -8.02 -28.92 3.46
C LYS B 147 -9.40 -29.09 4.06
N ASP B 148 -10.42 -28.62 3.32
CA ASP B 148 -11.81 -28.88 3.63
C ASP B 148 -12.20 -28.32 4.99
N TYR B 149 -12.08 -27.01 5.16
CA TYR B 149 -12.51 -26.34 6.38
C TYR B 149 -13.39 -25.15 6.03
N PHE B 150 -14.25 -24.77 6.97
CA PHE B 150 -15.14 -23.64 6.80
C PHE B 150 -15.55 -23.14 8.16
N PRO B 151 -15.54 -21.82 8.38
CA PRO B 151 -15.07 -20.77 7.47
C PRO B 151 -13.62 -20.39 7.77
N GLU B 152 -13.12 -19.34 7.12
CA GLU B 152 -11.81 -18.80 7.43
C GLU B 152 -11.84 -18.12 8.79
N PRO B 153 -10.70 -17.97 9.47
CA PRO B 153 -9.36 -18.40 9.09
C PRO B 153 -8.90 -19.67 9.78
N VAL B 154 -7.73 -20.16 9.39
CA VAL B 154 -7.04 -21.25 10.09
C VAL B 154 -5.68 -20.73 10.51
N THR B 155 -5.38 -20.84 11.80
CA THR B 155 -4.08 -20.42 12.31
C THR B 155 -3.10 -21.58 12.22
N VAL B 156 -1.99 -21.37 11.53
CA VAL B 156 -0.99 -22.41 11.33
C VAL B 156 0.32 -21.95 11.96
N SER B 157 0.90 -22.82 12.80
CA SER B 157 2.18 -22.56 13.43
C SER B 157 3.06 -23.79 13.24
N TRP B 158 4.36 -23.61 13.41
CA TRP B 158 5.32 -24.69 13.24
C TRP B 158 6.16 -24.82 14.50
N ASN B 159 6.18 -26.03 15.07
CA ASN B 159 6.91 -26.32 16.31
C ASN B 159 6.50 -25.37 17.43
N SER B 160 5.21 -25.06 17.49
CA SER B 160 4.65 -24.18 18.52
C SER B 160 5.35 -22.83 18.55
N GLY B 161 5.57 -22.25 17.38
CA GLY B 161 6.18 -20.95 17.25
C GLY B 161 7.69 -20.96 17.14
N ALA B 162 8.33 -22.12 17.25
CA ALA B 162 9.78 -22.17 17.14
C ALA B 162 10.24 -21.81 15.73
N LEU B 163 9.52 -22.26 14.71
CA LEU B 163 9.86 -21.97 13.32
C LEU B 163 9.11 -20.73 12.86
N THR B 164 9.85 -19.70 12.46
CA THR B 164 9.26 -18.51 11.86
C THR B 164 10.03 -17.98 10.68
N SER B 165 11.15 -18.59 10.31
CA SER B 165 12.02 -18.01 9.27
C SER B 165 11.52 -18.36 7.87
N GLY B 166 11.49 -19.64 7.53
CA GLY B 166 11.15 -20.06 6.19
C GLY B 166 9.70 -20.44 6.02
N VAL B 167 8.85 -20.00 6.94
CA VAL B 167 7.44 -20.39 6.96
C VAL B 167 6.69 -19.52 5.97
N HIS B 168 6.13 -20.14 4.94
CA HIS B 168 5.23 -19.47 4.00
C HIS B 168 3.86 -20.13 4.11
N THR B 169 2.89 -19.39 4.60
CA THR B 169 1.50 -19.84 4.66
C THR B 169 0.73 -19.19 3.53
N PHE B 170 0.09 -20.02 2.71
CA PHE B 170 -0.49 -19.40 1.52
C PHE B 170 -1.96 -19.07 1.77
N PRO B 171 -2.46 -18.00 1.15
CA PRO B 171 -3.87 -17.63 1.33
C PRO B 171 -4.80 -18.76 0.88
N ALA B 172 -5.89 -18.92 1.61
CA ALA B 172 -6.81 -20.01 1.32
C ALA B 172 -7.47 -19.83 -0.03
N VAL B 173 -7.60 -20.92 -0.77
CA VAL B 173 -8.27 -20.94 -2.05
C VAL B 173 -9.59 -21.67 -1.90
N LEU B 174 -10.69 -21.01 -2.26
CA LEU B 174 -12.01 -21.60 -2.12
C LEU B 174 -12.17 -22.71 -3.16
N GLN B 175 -12.39 -23.93 -2.67
CA GLN B 175 -12.57 -25.06 -3.57
C GLN B 175 -13.92 -24.98 -4.27
N SER B 176 -14.08 -25.79 -5.32
CA SER B 176 -15.36 -25.88 -6.01
C SER B 176 -16.43 -26.50 -5.11
N SER B 177 -16.02 -27.20 -4.05
CA SER B 177 -16.97 -27.81 -3.12
C SER B 177 -17.46 -26.82 -2.06
N GLY B 178 -16.98 -25.58 -2.06
CA GLY B 178 -17.37 -24.59 -1.09
C GLY B 178 -16.51 -24.54 0.15
N LEU B 179 -15.60 -25.48 0.33
CA LEU B 179 -14.68 -25.48 1.46
C LEU B 179 -13.36 -24.84 1.07
N TYR B 180 -12.56 -24.53 2.07
CA TYR B 180 -11.31 -23.82 1.87
C TYR B 180 -10.11 -24.76 2.00
N SER B 181 -9.03 -24.38 1.33
CA SER B 181 -7.78 -25.12 1.38
C SER B 181 -6.63 -24.13 1.41
N LEU B 182 -5.66 -24.40 2.28
CA LEU B 182 -4.40 -23.65 2.29
C LEU B 182 -3.26 -24.63 2.54
N SER B 183 -2.05 -24.18 2.22
CA SER B 183 -0.86 -24.96 2.45
C SER B 183 0.12 -24.10 3.23
N SER B 184 0.69 -24.65 4.30
CA SER B 184 1.70 -23.96 5.08
C SER B 184 3.01 -24.71 4.90
N VAL B 185 4.01 -24.04 4.35
CA VAL B 185 5.26 -24.68 3.97
C VAL B 185 6.39 -24.04 4.75
N VAL B 186 7.24 -24.87 5.35
CA VAL B 186 8.48 -24.45 6.00
C VAL B 186 9.64 -24.95 5.15
N THR B 187 10.72 -24.17 5.13
CA THR B 187 11.90 -24.52 4.36
C THR B 187 13.07 -24.67 5.34
N VAL B 188 13.63 -25.88 5.40
CA VAL B 188 14.64 -26.20 6.41
C VAL B 188 15.82 -26.92 5.76
N PRO B 189 17.02 -26.83 6.31
CA PRO B 189 18.16 -27.56 5.74
C PRO B 189 17.90 -29.06 5.75
N SER B 190 18.35 -29.73 4.69
CA SER B 190 18.12 -31.16 4.55
C SER B 190 18.85 -31.96 5.64
N SER B 191 19.98 -31.44 6.12
CA SER B 191 20.70 -32.14 7.18
C SER B 191 19.90 -32.15 8.48
N SER B 192 19.13 -31.08 8.73
CA SER B 192 18.37 -31.00 9.97
C SER B 192 17.23 -32.01 10.01
N LEU B 193 16.86 -32.55 8.85
CA LEU B 193 15.79 -33.54 8.78
C LEU B 193 16.15 -34.81 9.55
N LYS B 196 15.94 -33.32 13.59
CA LYS B 196 14.94 -32.43 14.19
C LYS B 196 13.54 -32.76 13.67
N THR B 197 12.60 -32.89 14.61
CA THR B 197 11.21 -33.15 14.24
C THR B 197 10.49 -31.85 13.93
N TYR B 198 9.59 -31.90 12.95
CA TYR B 198 8.85 -30.74 12.49
C TYR B 198 7.36 -31.03 12.58
N THR B 199 6.62 -30.12 13.20
CA THR B 199 5.20 -30.31 13.47
C THR B 199 4.42 -29.08 13.02
N CYS B 200 3.28 -29.31 12.37
CA CYS B 200 2.35 -28.26 11.98
C CYS B 200 1.19 -28.26 12.96
N ASN B 201 0.93 -27.12 13.58
CA ASN B 201 -0.18 -26.95 14.51
C ASN B 201 -1.24 -26.10 13.83
N VAL B 202 -2.44 -26.66 13.69
CA VAL B 202 -3.56 -26.02 13.00
C VAL B 202 -4.66 -25.77 14.01
N ASP B 203 -5.04 -24.51 14.17
CA ASP B 203 -6.09 -24.09 15.08
C ASP B 203 -7.22 -23.48 14.25
N HIS B 204 -8.36 -24.15 14.23
CA HIS B 204 -9.57 -23.63 13.58
C HIS B 204 -10.59 -23.36 14.69
N LYS B 205 -10.56 -22.13 15.19
CA LYS B 205 -11.49 -21.74 16.25
C LYS B 205 -12.96 -21.83 15.85
N PRO B 206 -13.39 -21.45 14.64
CA PRO B 206 -14.82 -21.56 14.33
C PRO B 206 -15.40 -22.96 14.50
N SER B 207 -14.58 -24.00 14.41
CA SER B 207 -15.02 -25.36 14.68
C SER B 207 -14.41 -25.92 15.96
N ASN B 208 -13.61 -25.13 16.68
CA ASN B 208 -12.91 -25.57 17.88
C ASN B 208 -12.09 -26.83 17.60
N THR B 209 -11.14 -26.69 16.68
CA THR B 209 -10.31 -27.81 16.25
C THR B 209 -8.85 -27.45 16.45
N LYS B 210 -8.07 -28.38 16.99
CA LYS B 210 -6.63 -28.23 17.14
C LYS B 210 -5.97 -29.53 16.70
N VAL B 211 -5.13 -29.44 15.66
CA VAL B 211 -4.45 -30.60 15.10
C VAL B 211 -2.95 -30.36 15.15
N ASP B 212 -2.22 -31.31 15.73
CA ASP B 212 -0.75 -31.30 15.70
C ASP B 212 -0.32 -32.47 14.80
N LYS B 213 0.18 -32.15 13.62
CA LYS B 213 0.53 -33.15 12.62
C LYS B 213 2.04 -33.15 12.41
N ARG B 214 2.64 -34.33 12.49
CA ARG B 214 4.07 -34.45 12.25
C ARG B 214 4.33 -34.71 10.77
N VAL B 215 5.11 -33.84 10.15
CA VAL B 215 5.42 -33.97 8.73
C VAL B 215 6.87 -34.39 8.54
N GLU C 1 -21.73 5.03 -16.47
CA GLU C 1 -20.70 5.32 -15.49
C GLU C 1 -19.39 5.71 -16.19
N ILE C 2 -18.59 6.54 -15.51
CA ILE C 2 -17.30 6.98 -16.04
C ILE C 2 -16.28 5.95 -15.57
N VAL C 3 -15.92 5.03 -16.46
CA VAL C 3 -14.93 4.01 -16.13
C VAL C 3 -13.55 4.65 -16.04
N LEU C 4 -12.84 4.37 -14.95
CA LEU C 4 -11.50 4.89 -14.73
C LEU C 4 -10.50 3.76 -14.92
N THR C 5 -9.53 3.97 -15.80
CA THR C 5 -8.48 2.99 -16.08
C THR C 5 -7.19 3.51 -15.47
N GLN C 6 -6.57 2.68 -14.63
CA GLN C 6 -5.36 3.07 -13.90
C GLN C 6 -4.19 2.28 -14.45
N SER C 7 -3.14 2.98 -14.84
CA SER C 7 -1.92 2.37 -15.34
C SER C 7 -0.71 2.81 -14.53
N PRO C 8 0.25 1.91 -14.33
CA PRO C 8 0.23 0.50 -14.74
C PRO C 8 -0.59 -0.36 -13.77
N ALA C 9 -0.91 -1.59 -14.13
CA ALA C 9 -1.59 -2.48 -13.18
C ALA C 9 -0.70 -2.76 -11.97
N THR C 10 0.60 -2.92 -12.21
CA THR C 10 1.58 -3.02 -11.13
C THR C 10 2.77 -2.14 -11.49
N LEU C 11 3.30 -1.45 -10.50
CA LEU C 11 4.42 -0.53 -10.68
C LEU C 11 5.53 -0.95 -9.72
N SER C 12 6.56 -1.61 -10.26
CA SER C 12 7.68 -2.10 -9.46
C SER C 12 8.80 -1.09 -9.50
N LEU C 13 9.04 -0.41 -8.39
CA LEU C 13 10.15 0.52 -8.26
C LEU C 13 10.82 0.34 -6.90
N SER C 14 12.13 0.55 -6.88
CA SER C 14 12.87 0.48 -5.64
C SER C 14 12.60 1.73 -4.80
N PRO C 15 12.81 1.66 -3.49
CA PRO C 15 12.65 2.86 -2.65
C PRO C 15 13.60 3.96 -3.09
N GLY C 16 13.12 5.20 -3.01
CA GLY C 16 13.89 6.36 -3.39
C GLY C 16 13.62 6.89 -4.78
N GLU C 17 12.89 6.15 -5.60
CA GLU C 17 12.57 6.58 -6.95
C GLU C 17 11.25 7.36 -6.98
N ARG C 18 10.91 7.84 -8.18
CA ARG C 18 9.68 8.58 -8.39
C ARG C 18 8.65 7.69 -9.07
N ALA C 19 7.44 7.68 -8.54
CA ALA C 19 6.36 6.85 -9.06
C ALA C 19 5.31 7.74 -9.71
N THR C 20 4.86 7.38 -10.90
CA THR C 20 3.77 8.07 -11.58
C THR C 20 2.66 7.07 -11.85
N LEU C 21 1.45 7.41 -11.41
CA LEU C 21 0.27 6.57 -11.58
C LEU C 21 -0.74 7.36 -12.40
N SER C 22 -1.29 6.75 -13.44
CA SER C 22 -2.16 7.46 -14.38
C SER C 22 -3.58 6.93 -14.25
N CYS C 23 -4.55 7.83 -14.15
CA CYS C 23 -5.97 7.53 -14.30
C CYS C 23 -6.47 8.18 -15.57
N ARG C 24 -7.09 7.41 -16.45
CA ARG C 24 -7.79 7.95 -17.61
C ARG C 24 -9.27 7.62 -17.51
N ALA C 25 -10.10 8.62 -17.73
CA ALA C 25 -11.54 8.47 -17.67
C ALA C 25 -12.13 8.43 -19.07
N THR C 26 -13.25 7.71 -19.21
CA THR C 26 -13.93 7.69 -20.50
C THR C 26 -14.52 9.05 -20.85
N SER C 27 -15.00 9.78 -19.84
CA SER C 27 -15.55 11.12 -20.03
C SER C 27 -14.83 12.07 -19.07
N SER C 28 -14.97 13.36 -19.35
CA SER C 28 -14.30 14.36 -18.53
C SER C 28 -14.88 14.39 -17.12
N VAL C 29 -14.01 14.56 -16.13
CA VAL C 29 -14.40 14.67 -14.73
C VAL C 29 -13.78 15.94 -14.15
N SER C 30 -14.48 16.56 -13.21
CA SER C 30 -14.03 17.82 -12.65
C SER C 30 -12.76 17.64 -11.83
N TYR C 31 -12.72 16.61 -10.99
CA TYR C 31 -11.60 16.40 -10.07
C TYR C 31 -11.27 14.91 -10.03
N MET C 32 -10.13 14.59 -9.41
CA MET C 32 -9.74 13.22 -9.12
C MET C 32 -9.31 13.12 -7.67
N TYR C 33 -9.74 12.04 -7.02
CA TYR C 33 -9.38 11.75 -5.64
C TYR C 33 -8.54 10.50 -5.60
N TRP C 34 -7.56 10.45 -4.72
CA TRP C 34 -6.65 9.33 -4.64
C TRP C 34 -6.68 8.72 -3.24
N TYR C 35 -6.77 7.39 -3.19
CA TYR C 35 -6.85 6.65 -1.95
C TYR C 35 -5.73 5.62 -1.91
N GLN C 36 -5.15 5.44 -0.73
CA GLN C 36 -4.11 4.45 -0.51
C GLN C 36 -4.67 3.36 0.41
N GLN C 37 -4.68 2.13 -0.08
CA GLN C 37 -5.05 0.97 0.71
C GLN C 37 -3.81 0.12 0.95
N LYS C 38 -3.46 -0.06 2.20
CA LYS C 38 -2.49 -1.01 2.67
C LYS C 38 -3.14 -2.38 2.83
N PRO C 39 -2.37 -3.47 2.78
CA PRO C 39 -2.98 -4.79 2.94
C PRO C 39 -3.55 -4.98 4.33
N GLY C 40 -4.83 -5.37 4.38
CA GLY C 40 -5.52 -5.57 5.64
C GLY C 40 -6.07 -4.32 6.29
N GLN C 41 -6.04 -3.19 5.60
CA GLN C 41 -6.54 -1.93 6.14
C GLN C 41 -7.52 -1.30 5.17
N ALA C 42 -8.31 -0.37 5.68
CA ALA C 42 -9.27 0.37 4.89
C ALA C 42 -8.56 1.39 4.01
N PRO C 43 -9.18 1.83 2.91
CA PRO C 43 -8.56 2.86 2.08
C PRO C 43 -8.40 4.17 2.83
N GLU C 44 -7.36 4.92 2.46
CA GLU C 44 -7.05 6.18 3.11
C GLU C 44 -6.84 7.24 2.04
N LEU C 45 -7.61 8.33 2.12
CA LEU C 45 -7.51 9.41 1.16
C LEU C 45 -6.14 10.07 1.21
N LEU C 46 -5.54 10.27 0.04
CA LEU C 46 -4.30 11.05 -0.08
C LEU C 46 -4.54 12.38 -0.76
N ILE C 47 -5.09 12.36 -1.96
CA ILE C 47 -5.23 13.53 -2.81
C ILE C 47 -6.72 13.80 -3.00
N TYR C 48 -7.13 15.03 -2.77
CA TYR C 48 -8.50 15.43 -3.06
C TYR C 48 -8.49 16.64 -3.99
N ARG C 49 -9.47 16.68 -4.87
CA ARG C 49 -9.62 17.77 -5.85
C ARG C 49 -8.38 17.88 -6.73
N THR C 50 -7.83 16.71 -7.08
CA THR C 50 -6.86 16.49 -8.14
C THR C 50 -5.46 16.97 -7.79
N SER C 51 -5.33 17.85 -6.79
CA SER C 51 -4.03 18.38 -6.42
C SER C 51 -3.80 18.51 -4.93
N ASN C 52 -4.86 18.58 -4.12
CA ASN C 52 -4.72 18.94 -2.72
C ASN C 52 -4.44 17.70 -1.89
N LEU C 53 -3.49 17.83 -0.96
CA LEU C 53 -3.12 16.73 -0.09
C LEU C 53 -4.11 16.61 1.06
N ALA C 54 -4.48 15.38 1.41
CA ALA C 54 -5.34 15.17 2.55
C ALA C 54 -4.56 15.42 3.85
N SER C 55 -5.27 15.33 4.96
CA SER C 55 -4.66 15.61 6.25
C SER C 55 -3.70 14.50 6.66
N GLY C 56 -2.47 14.87 7.02
CA GLY C 56 -1.47 13.92 7.45
C GLY C 56 -0.69 13.26 6.35
N ILE C 57 -0.92 13.63 5.09
CA ILE C 57 -0.22 13.05 3.95
C ILE C 57 1.11 13.76 3.74
N PRO C 58 2.22 13.03 3.64
CA PRO C 58 3.52 13.68 3.46
C PRO C 58 3.64 14.39 2.11
N ALA C 59 4.60 15.30 2.03
CA ALA C 59 4.77 16.16 0.87
C ALA C 59 5.30 15.43 -0.35
N ARG C 60 5.72 14.17 -0.22
CA ARG C 60 6.16 13.41 -1.38
C ARG C 60 5.05 13.27 -2.41
N PHE C 61 3.81 13.19 -1.96
CA PHE C 61 2.70 12.97 -2.86
C PHE C 61 2.31 14.27 -3.56
N SER C 62 1.96 14.14 -4.84
CA SER C 62 1.49 15.26 -5.64
C SER C 62 0.42 14.74 -6.58
N GLY C 63 -0.47 15.62 -7.02
CA GLY C 63 -1.48 15.28 -7.98
C GLY C 63 -1.59 16.34 -9.04
N SER C 64 -1.94 15.90 -10.25
CA SER C 64 -2.18 16.83 -11.34
C SER C 64 -3.08 16.16 -12.36
N GLY C 65 -3.53 16.95 -13.33
CA GLY C 65 -4.34 16.40 -14.39
C GLY C 65 -5.54 17.24 -14.76
N SER C 66 -6.20 16.88 -15.85
CA SER C 66 -7.36 17.60 -16.33
C SER C 66 -8.17 16.69 -17.23
N GLY C 67 -9.45 17.04 -17.41
CA GLY C 67 -10.29 16.32 -18.35
C GLY C 67 -10.38 14.86 -18.01
N THR C 68 -9.72 14.03 -18.83
CA THR C 68 -9.74 12.59 -18.60
C THR C 68 -8.44 12.10 -17.96
N ASP C 69 -7.34 12.79 -18.19
CA ASP C 69 -6.03 12.28 -17.80
C ASP C 69 -5.56 12.92 -16.50
N TYR C 70 -5.30 12.09 -15.49
CA TYR C 70 -4.83 12.53 -14.19
C TYR C 70 -3.64 11.67 -13.79
N THR C 71 -2.76 12.25 -12.96
CA THR C 71 -1.57 11.55 -12.54
C THR C 71 -1.27 11.86 -11.09
N LEU C 72 -0.92 10.81 -10.34
CA LEU C 72 -0.43 10.90 -8.98
C LEU C 72 1.07 10.64 -9.00
N THR C 73 1.84 11.53 -8.39
CA THR C 73 3.28 11.47 -8.41
C THR C 73 3.80 11.30 -7.00
N ILE C 74 4.78 10.42 -6.82
CA ILE C 74 5.49 10.29 -5.56
C ILE C 74 6.96 10.57 -5.90
N SER C 75 7.44 11.74 -5.47
CA SER C 75 8.79 12.17 -5.80
C SER C 75 9.84 11.23 -5.26
N SER C 76 9.65 10.75 -4.02
CA SER C 76 10.54 9.77 -3.41
C SER C 76 9.69 8.65 -2.84
N LEU C 77 10.09 7.41 -3.13
CA LEU C 77 9.39 6.25 -2.61
C LEU C 77 9.97 5.87 -1.24
N GLU C 78 9.10 5.45 -0.34
CA GLU C 78 9.48 5.00 0.99
C GLU C 78 8.82 3.66 1.29
N PRO C 79 9.31 2.92 2.29
CA PRO C 79 8.71 1.62 2.62
C PRO C 79 7.21 1.67 2.85
N GLU C 80 6.71 2.78 3.42
CA GLU C 80 5.27 2.91 3.72
C GLU C 80 4.50 3.39 2.47
N ASP C 81 5.19 3.54 1.33
CA ASP C 81 4.52 4.07 0.11
C ASP C 81 4.09 2.91 -0.80
N PHE C 82 4.58 1.70 -0.53
CA PHE C 82 4.27 0.56 -1.43
C PHE C 82 2.90 0.00 -1.03
N ALA C 83 1.85 0.44 -1.72
CA ALA C 83 0.48 0.00 -1.39
C ALA C 83 -0.36 -0.05 -2.66
N VAL C 84 -1.68 -0.15 -2.53
CA VAL C 84 -2.57 -0.11 -3.73
C VAL C 84 -3.23 1.27 -3.76
N TYR C 85 -3.12 1.98 -4.89
CA TYR C 85 -3.67 3.36 -5.00
C TYR C 85 -4.91 3.32 -5.87
N TYR C 86 -5.95 4.07 -5.48
CA TYR C 86 -7.22 4.05 -6.22
C TYR C 86 -7.63 5.45 -6.61
N CYS C 87 -7.92 5.67 -7.89
CA CYS C 87 -8.41 6.96 -8.35
C CYS C 87 -9.93 6.91 -8.40
N GLN C 88 -10.56 7.98 -7.90
CA GLN C 88 -12.00 8.07 -7.76
C GLN C 88 -12.50 9.37 -8.34
N GLN C 89 -13.74 9.34 -8.83
CA GLN C 89 -14.42 10.49 -9.38
C GLN C 89 -15.77 10.69 -8.70
N TRP C 90 -16.19 11.96 -8.64
CA TRP C 90 -17.51 12.32 -8.13
C TRP C 90 -18.29 13.18 -9.10
N SER C 91 -17.70 13.55 -10.24
CA SER C 91 -18.36 14.47 -11.16
C SER C 91 -19.67 13.89 -11.68
N SER C 92 -19.65 12.63 -12.09
CA SER C 92 -20.84 11.97 -12.61
C SER C 92 -21.31 10.87 -11.66
N ASN C 93 -22.63 10.76 -11.54
CA ASN C 93 -23.24 9.73 -10.72
C ASN C 93 -23.36 8.45 -11.52
N PRO C 94 -22.99 7.29 -10.96
CA PRO C 94 -22.49 7.06 -9.60
C PRO C 94 -20.98 7.27 -9.47
N PRO C 95 -20.48 7.49 -8.26
CA PRO C 95 -19.03 7.54 -8.05
C PRO C 95 -18.36 6.24 -8.46
N THR C 96 -17.17 6.35 -9.03
CA THR C 96 -16.46 5.23 -9.61
C THR C 96 -15.01 5.25 -9.15
N PHE C 97 -14.48 4.08 -8.87
CA PHE C 97 -13.08 3.89 -8.51
C PHE C 97 -12.31 3.31 -9.68
N GLY C 98 -10.99 3.48 -9.64
CA GLY C 98 -10.12 2.75 -10.53
C GLY C 98 -9.88 1.36 -10.01
N GLN C 99 -9.46 0.46 -10.89
CA GLN C 99 -9.28 -0.93 -10.47
C GLN C 99 -8.06 -1.09 -9.59
N GLY C 100 -7.24 -0.05 -9.47
CA GLY C 100 -6.13 -0.07 -8.54
C GLY C 100 -4.78 -0.32 -9.16
N THR C 101 -3.78 0.42 -8.72
CA THR C 101 -2.39 0.22 -9.13
C THR C 101 -1.58 -0.22 -7.92
N LYS C 102 -1.15 -1.48 -7.93
CA LYS C 102 -0.33 -2.00 -6.85
C LYS C 102 1.10 -1.49 -7.04
N LEU C 103 1.57 -0.70 -6.09
CA LEU C 103 2.94 -0.21 -6.13
C LEU C 103 3.84 -1.23 -5.47
N GLU C 104 4.75 -1.81 -6.23
CA GLU C 104 5.52 -2.98 -5.83
C GLU C 104 6.98 -2.61 -5.61
N ILE C 105 7.64 -3.38 -4.75
CA ILE C 105 9.07 -3.20 -4.48
C ILE C 105 9.86 -3.95 -5.55
N LYS C 106 10.80 -3.26 -6.18
CA LYS C 106 11.58 -3.82 -7.27
C LYS C 106 12.95 -4.24 -6.76
N ARG C 107 13.14 -5.54 -6.59
CA ARG C 107 14.43 -6.11 -6.25
C ARG C 107 15.03 -6.76 -7.50
N THR C 108 16.14 -7.48 -7.34
CA THR C 108 16.71 -8.23 -8.44
C THR C 108 15.88 -9.48 -8.72
N VAL C 109 16.13 -10.09 -9.88
CA VAL C 109 15.37 -11.25 -10.32
C VAL C 109 15.90 -12.50 -9.64
N ALA C 110 14.98 -13.26 -9.04
CA ALA C 110 15.36 -14.54 -8.40
C ALA C 110 14.50 -15.65 -8.99
N ALA C 111 15.13 -16.69 -9.52
CA ALA C 111 14.39 -17.84 -10.11
C ALA C 111 13.69 -18.62 -9.00
N PRO C 112 12.46 -19.14 -9.22
CA PRO C 112 11.74 -19.83 -8.16
C PRO C 112 12.32 -21.18 -7.77
N SER C 113 12.44 -21.45 -6.47
CA SER C 113 12.88 -22.79 -6.02
C SER C 113 11.67 -23.71 -6.14
N VAL C 114 11.79 -24.83 -6.85
CA VAL C 114 10.62 -25.66 -7.13
C VAL C 114 10.73 -26.97 -6.37
N PHE C 115 9.65 -27.32 -5.66
CA PHE C 115 9.54 -28.58 -4.93
C PHE C 115 8.22 -29.25 -5.28
N ILE C 116 8.19 -30.57 -5.22
CA ILE C 116 7.01 -31.35 -5.52
C ILE C 116 6.68 -32.23 -4.31
N PHE C 117 5.40 -32.26 -3.95
CA PHE C 117 4.90 -33.05 -2.82
C PHE C 117 3.81 -34.00 -3.32
N PRO C 118 4.01 -35.31 -3.22
CA PRO C 118 2.95 -36.25 -3.55
C PRO C 118 1.89 -36.28 -2.47
N PRO C 119 0.69 -36.77 -2.78
CA PRO C 119 -0.33 -36.91 -1.73
C PRO C 119 0.08 -37.91 -0.66
N SER C 120 -0.35 -37.64 0.57
CA SER C 120 -0.08 -38.55 1.67
C SER C 120 -0.98 -39.77 1.60
N ASP C 121 -0.61 -40.81 2.33
CA ASP C 121 -1.40 -42.04 2.34
C ASP C 121 -2.77 -41.80 2.97
N GLU C 122 -2.85 -40.94 3.99
CA GLU C 122 -4.10 -40.68 4.67
C GLU C 122 -5.11 -40.03 3.72
N GLN C 123 -4.66 -39.07 2.90
CA GLN C 123 -5.56 -38.43 1.95
C GLN C 123 -6.07 -39.45 0.93
N LEU C 124 -5.20 -40.35 0.47
CA LEU C 124 -5.65 -41.41 -0.44
C LEU C 124 -6.68 -42.30 0.24
N LYS C 125 -6.49 -42.61 1.52
CA LYS C 125 -7.48 -43.38 2.25
C LYS C 125 -8.82 -42.63 2.31
N SER C 126 -8.77 -41.30 2.41
CA SER C 126 -10.01 -40.53 2.40
C SER C 126 -10.74 -40.67 1.07
N GLY C 127 -10.00 -40.66 -0.04
CA GLY C 127 -10.61 -40.84 -1.34
C GLY C 127 -10.21 -39.81 -2.38
N THR C 128 -9.27 -38.94 -2.04
CA THR C 128 -8.82 -37.87 -2.91
C THR C 128 -7.30 -37.81 -2.87
N ALA C 129 -6.70 -37.24 -3.91
CA ALA C 129 -5.26 -37.04 -3.98
C ALA C 129 -4.98 -35.60 -4.38
N SER C 130 -4.09 -34.95 -3.65
CA SER C 130 -3.65 -33.59 -3.98
C SER C 130 -2.13 -33.59 -4.11
N VAL C 131 -1.65 -33.20 -5.27
CA VAL C 131 -0.22 -33.04 -5.53
C VAL C 131 0.10 -31.56 -5.46
N VAL C 132 1.17 -31.21 -4.75
CA VAL C 132 1.50 -29.81 -4.50
C VAL C 132 2.81 -29.47 -5.19
N CYS C 133 2.85 -28.34 -5.87
CA CYS C 133 4.06 -27.78 -6.45
C CYS C 133 4.33 -26.43 -5.79
N LEU C 134 5.52 -26.28 -5.22
CA LEU C 134 5.87 -25.07 -4.49
C LEU C 134 6.99 -24.34 -5.21
N LEU C 135 6.76 -23.06 -5.51
CA LEU C 135 7.79 -22.16 -5.99
C LEU C 135 8.18 -21.22 -4.85
N ASN C 136 9.46 -21.23 -4.49
CA ASN C 136 9.94 -20.52 -3.32
C ASN C 136 10.84 -19.38 -3.72
N ASN C 137 10.62 -18.21 -3.11
CA ASN C 137 11.49 -17.05 -3.19
C ASN C 137 11.80 -16.66 -4.62
N PHE C 138 10.78 -16.20 -5.36
CA PHE C 138 10.98 -15.76 -6.72
C PHE C 138 10.50 -14.33 -6.90
N TYR C 139 11.24 -13.58 -7.71
CA TYR C 139 10.89 -12.25 -8.14
C TYR C 139 11.32 -12.17 -9.59
N PRO C 140 10.50 -11.59 -10.49
CA PRO C 140 9.18 -10.97 -10.26
C PRO C 140 8.05 -11.98 -10.06
N ARG C 141 6.84 -11.48 -9.84
CA ARG C 141 5.72 -12.35 -9.50
C ARG C 141 5.34 -13.28 -10.65
N GLU C 142 5.46 -12.79 -11.89
CA GLU C 142 4.95 -13.52 -13.04
C GLU C 142 5.69 -14.84 -13.26
N ALA C 143 5.01 -15.95 -12.99
CA ALA C 143 5.53 -17.28 -13.25
C ALA C 143 4.37 -18.16 -13.72
N LYS C 144 4.70 -19.23 -14.44
CA LYS C 144 3.70 -20.15 -14.97
C LYS C 144 4.00 -21.55 -14.49
N VAL C 145 2.97 -22.24 -14.01
CA VAL C 145 3.07 -23.61 -13.52
C VAL C 145 2.03 -24.37 -14.33
N GLN C 146 2.42 -25.52 -14.86
CA GLN C 146 1.57 -26.39 -15.64
C GLN C 146 1.81 -27.81 -15.17
N TRP C 147 0.76 -28.65 -15.24
CA TRP C 147 0.87 -30.03 -14.72
C TRP C 147 0.96 -31.03 -15.87
N LYS C 148 2.07 -31.77 -15.91
CA LYS C 148 2.31 -32.78 -16.94
C LYS C 148 2.07 -34.15 -16.32
N VAL C 149 0.81 -34.57 -16.31
CA VAL C 149 0.49 -35.90 -15.79
C VAL C 149 0.67 -36.92 -16.89
N ASP C 150 1.65 -37.80 -16.72
CA ASP C 150 2.04 -38.77 -17.76
C ASP C 150 2.32 -38.07 -19.08
N ASN C 151 3.05 -36.95 -19.00
CA ASN C 151 3.40 -36.10 -20.14
C ASN C 151 2.17 -35.52 -20.84
N ALA C 152 1.04 -35.42 -20.14
CA ALA C 152 -0.17 -34.86 -20.70
C ALA C 152 -0.53 -33.59 -19.92
N LEU C 153 -0.84 -32.52 -20.66
CA LEU C 153 -1.23 -31.27 -20.03
C LEU C 153 -2.55 -31.44 -19.26
N GLN C 154 -2.58 -30.92 -18.04
CA GLN C 154 -3.78 -30.92 -17.24
C GLN C 154 -4.34 -29.50 -17.15
N SER C 155 -5.63 -29.34 -17.46
CA SER C 155 -6.31 -28.06 -17.39
C SER C 155 -7.56 -28.20 -16.54
N GLY C 156 -7.79 -27.22 -15.68
CA GLY C 156 -8.96 -27.20 -14.82
C GLY C 156 -8.86 -28.05 -13.58
N ASN C 157 -7.76 -28.76 -13.38
CA ASN C 157 -7.58 -29.61 -12.21
C ASN C 157 -6.70 -28.98 -11.14
N SER C 158 -6.24 -27.75 -11.34
CA SER C 158 -5.26 -27.14 -10.46
C SER C 158 -5.74 -25.79 -9.96
N GLN C 159 -5.23 -25.40 -8.80
CA GLN C 159 -5.50 -24.09 -8.20
C GLN C 159 -4.19 -23.51 -7.68
N GLU C 160 -3.97 -22.22 -7.95
CA GLU C 160 -2.73 -21.54 -7.60
C GLU C 160 -3.00 -20.50 -6.52
N SER C 161 -2.07 -20.39 -5.57
CA SER C 161 -2.15 -19.40 -4.50
C SER C 161 -0.77 -18.83 -4.25
N VAL C 162 -0.66 -17.51 -4.28
CA VAL C 162 0.62 -16.82 -4.15
C VAL C 162 0.58 -15.94 -2.91
N THR C 163 1.67 -15.94 -2.15
CA THR C 163 1.77 -15.08 -0.98
C THR C 163 2.03 -13.64 -1.39
N GLU C 164 1.85 -12.73 -0.44
CA GLU C 164 2.23 -11.35 -0.67
C GLU C 164 3.75 -11.22 -0.70
N GLN C 165 4.21 -10.03 -1.10
CA GLN C 165 5.65 -9.79 -1.17
C GLN C 165 6.24 -9.82 0.23
N ASP C 166 7.23 -10.69 0.43
CA ASP C 166 7.83 -10.89 1.74
C ASP C 166 8.47 -9.60 2.23
N SER C 167 8.33 -9.34 3.53
CA SER C 167 8.89 -8.11 4.10
C SER C 167 10.41 -8.15 4.10
N LYS C 168 10.99 -9.31 4.40
CA LYS C 168 12.44 -9.38 4.58
C LYS C 168 13.18 -9.21 3.26
N ASP C 169 12.78 -9.94 2.22
CA ASP C 169 13.52 -9.95 0.96
C ASP C 169 12.69 -9.57 -0.26
N SER C 170 11.41 -9.23 -0.08
CA SER C 170 10.58 -8.70 -1.16
C SER C 170 10.38 -9.70 -2.30
N THR C 171 10.40 -10.99 -1.96
CA THR C 171 10.20 -12.05 -2.93
C THR C 171 8.78 -12.59 -2.84
N TYR C 172 8.50 -13.61 -3.65
CA TYR C 172 7.20 -14.24 -3.71
C TYR C 172 7.35 -15.75 -3.51
N SER C 173 6.25 -16.38 -3.09
CA SER C 173 6.13 -17.82 -3.08
C SER C 173 4.76 -18.19 -3.64
N LEU C 174 4.71 -19.29 -4.38
CA LEU C 174 3.49 -19.75 -5.01
C LEU C 174 3.30 -21.23 -4.73
N SER C 175 2.05 -21.66 -4.63
CA SER C 175 1.71 -23.06 -4.42
C SER C 175 0.59 -23.43 -5.38
N SER C 176 0.83 -24.46 -6.19
CA SER C 176 -0.17 -24.98 -7.12
C SER C 176 -0.58 -26.38 -6.68
N THR C 177 -1.87 -26.57 -6.45
CA THR C 177 -2.39 -27.85 -6.01
C THR C 177 -3.16 -28.49 -7.16
N LEU C 178 -2.95 -29.79 -7.36
CA LEU C 178 -3.65 -30.58 -8.36
C LEU C 178 -4.51 -31.59 -7.61
N THR C 179 -5.83 -31.52 -7.81
CA THR C 179 -6.76 -32.37 -7.09
C THR C 179 -7.34 -33.41 -8.05
N LEU C 180 -7.26 -34.68 -7.67
CA LEU C 180 -7.80 -35.77 -8.45
C LEU C 180 -8.48 -36.78 -7.54
N SER C 181 -9.36 -37.59 -8.12
CA SER C 181 -9.90 -38.72 -7.39
C SER C 181 -8.82 -39.79 -7.24
N LYS C 182 -9.01 -40.68 -6.27
CA LYS C 182 -8.04 -41.74 -6.06
C LYS C 182 -7.95 -42.66 -7.26
N ALA C 183 -9.08 -42.94 -7.92
CA ALA C 183 -9.05 -43.73 -9.13
C ALA C 183 -8.25 -43.04 -10.22
N ASP C 184 -8.55 -41.77 -10.48
CA ASP C 184 -7.79 -41.01 -11.48
C ASP C 184 -6.33 -40.88 -11.08
N TYR C 185 -6.04 -40.75 -9.79
CA TYR C 185 -4.66 -40.70 -9.35
C TYR C 185 -3.91 -42.00 -9.63
N GLU C 186 -4.58 -43.13 -9.44
CA GLU C 186 -3.96 -44.42 -9.69
C GLU C 186 -3.93 -44.81 -11.16
N LYS C 187 -4.72 -44.14 -12.01
CA LYS C 187 -4.65 -44.43 -13.45
C LYS C 187 -3.26 -44.13 -14.01
N HIS C 188 -2.67 -43.01 -13.61
CA HIS C 188 -1.37 -42.57 -14.11
C HIS C 188 -0.27 -42.95 -13.12
N LYS C 189 0.97 -42.75 -13.56
CA LYS C 189 2.14 -43.13 -12.77
C LYS C 189 3.10 -41.97 -12.52
N VAL C 190 3.33 -41.10 -13.49
CA VAL C 190 4.32 -40.03 -13.38
C VAL C 190 3.57 -38.71 -13.27
N TYR C 191 3.85 -37.95 -12.22
CA TYR C 191 3.27 -36.63 -12.01
C TYR C 191 4.39 -35.60 -11.99
N ALA C 192 4.27 -34.59 -12.85
CA ALA C 192 5.32 -33.60 -13.04
C ALA C 192 4.74 -32.19 -13.00
N CYS C 193 5.52 -31.28 -12.44
CA CYS C 193 5.19 -29.85 -12.40
C CYS C 193 6.31 -29.13 -13.15
N GLU C 194 5.93 -28.42 -14.21
CA GLU C 194 6.89 -27.70 -15.05
C GLU C 194 6.65 -26.20 -14.91
N VAL C 195 7.72 -25.47 -14.59
CA VAL C 195 7.61 -24.07 -14.20
C VAL C 195 8.44 -23.22 -15.14
N THR C 196 7.86 -22.14 -15.63
CA THR C 196 8.55 -21.15 -16.44
C THR C 196 8.54 -19.81 -15.73
N HIS C 197 9.70 -19.17 -15.64
CA HIS C 197 9.81 -17.82 -15.03
C HIS C 197 10.77 -17.03 -15.92
N GLN C 198 10.80 -15.70 -15.78
CA GLN C 198 11.71 -14.86 -16.60
C GLN C 198 13.18 -15.09 -16.17
N GLY C 199 13.42 -15.42 -14.91
CA GLY C 199 14.79 -15.66 -14.42
C GLY C 199 15.30 -17.03 -14.81
N LEU C 200 14.48 -17.84 -15.48
CA LEU C 200 14.89 -19.20 -15.84
C LEU C 200 15.12 -19.28 -17.35
N SER C 201 16.31 -19.75 -17.73
CA SER C 201 16.59 -19.93 -19.15
C SER C 201 15.70 -21.01 -19.76
N SER C 202 15.50 -22.11 -19.04
CA SER C 202 14.67 -23.22 -19.48
C SER C 202 13.71 -23.59 -18.36
N PRO C 203 12.55 -24.16 -18.70
CA PRO C 203 11.58 -24.55 -17.67
C PRO C 203 12.17 -25.58 -16.72
N VAL C 204 11.81 -25.46 -15.45
CA VAL C 204 12.26 -26.38 -14.41
C VAL C 204 11.14 -27.36 -14.13
N THR C 205 11.42 -28.66 -14.26
CA THR C 205 10.43 -29.70 -14.05
C THR C 205 10.81 -30.50 -12.81
N LYS C 206 9.81 -30.80 -11.98
CA LYS C 206 9.97 -31.68 -10.84
C LYS C 206 8.90 -32.76 -10.90
N SER C 207 9.32 -34.02 -10.86
CA SER C 207 8.40 -35.12 -11.10
C SER C 207 8.61 -36.22 -10.06
N PHE C 208 7.58 -37.01 -9.88
CA PHE C 208 7.64 -38.22 -9.06
C PHE C 208 6.78 -39.31 -9.65
N VAL D 4 11.19 -15.70 -35.60
CA VAL D 4 12.13 -14.65 -35.22
C VAL D 4 13.56 -15.16 -35.34
N GLN D 5 14.46 -14.28 -35.81
CA GLN D 5 15.88 -14.59 -35.94
C GLN D 5 16.66 -13.53 -35.16
N LEU D 6 16.85 -13.78 -33.87
CA LEU D 6 17.60 -12.85 -33.03
C LEU D 6 19.08 -12.94 -33.34
N GLN D 7 19.73 -11.79 -33.51
CA GLN D 7 21.16 -11.73 -33.80
C GLN D 7 21.83 -10.79 -32.81
N GLU D 8 22.92 -11.25 -32.19
CA GLU D 8 23.68 -10.45 -31.25
C GLU D 8 24.94 -9.90 -31.90
N SER D 9 25.31 -8.69 -31.50
CA SER D 9 26.50 -8.03 -32.02
C SER D 9 27.07 -7.11 -30.95
N GLY D 10 28.33 -6.75 -31.13
CA GLY D 10 29.03 -5.85 -30.22
C GLY D 10 30.00 -6.53 -29.28
N GLY D 11 30.07 -7.85 -29.29
CA GLY D 11 30.99 -8.54 -28.40
C GLY D 11 32.44 -8.31 -28.79
N GLY D 12 33.31 -8.25 -27.78
CA GLY D 12 34.72 -8.04 -28.04
C GLY D 12 35.49 -8.05 -26.74
N LEU D 13 36.82 -7.99 -26.88
CA LEU D 13 37.70 -7.94 -25.72
C LEU D 13 37.69 -6.56 -25.09
N VAL D 14 37.51 -6.52 -23.78
CA VAL D 14 37.44 -5.27 -23.01
C VAL D 14 38.32 -5.42 -21.77
N GLN D 15 39.04 -4.36 -21.44
CA GLN D 15 39.84 -4.32 -20.22
C GLN D 15 38.93 -4.30 -18.99
N PRO D 16 39.40 -4.80 -17.86
CA PRO D 16 38.57 -4.78 -16.65
C PRO D 16 38.18 -3.37 -16.27
N GLY D 17 36.94 -3.20 -15.83
CA GLY D 17 36.41 -1.90 -15.52
C GLY D 17 35.93 -1.10 -16.71
N GLY D 18 35.99 -1.66 -17.91
CA GLY D 18 35.58 -0.95 -19.11
C GLY D 18 34.08 -1.01 -19.33
N SER D 19 33.67 -0.53 -20.50
CA SER D 19 32.27 -0.49 -20.89
C SER D 19 32.10 -1.14 -22.25
N LEU D 20 31.02 -1.90 -22.42
CA LEU D 20 30.70 -2.55 -23.68
C LEU D 20 29.22 -2.39 -23.97
N ARG D 21 28.85 -2.40 -25.24
CA ARG D 21 27.46 -2.34 -25.65
C ARG D 21 27.15 -3.53 -26.55
N LEU D 22 26.10 -4.27 -26.20
CA LEU D 22 25.61 -5.40 -26.96
C LEU D 22 24.26 -5.07 -27.57
N SER D 23 24.04 -5.53 -28.79
CA SER D 23 22.79 -5.29 -29.49
C SER D 23 22.19 -6.61 -29.95
N CYS D 24 20.89 -6.77 -29.70
CA CYS D 24 20.12 -7.92 -30.15
C CYS D 24 19.06 -7.39 -31.11
N ALA D 25 19.22 -7.75 -32.39
CA ALA D 25 18.27 -7.35 -33.41
C ALA D 25 17.32 -8.49 -33.71
N ALA D 26 16.03 -8.17 -33.82
CA ALA D 26 14.98 -9.15 -34.05
C ALA D 26 14.48 -9.01 -35.48
N SER D 27 14.47 -10.12 -36.22
CA SER D 27 13.97 -10.15 -37.59
C SER D 27 12.92 -11.26 -37.68
N GLY D 28 11.67 -10.86 -37.91
CA GLY D 28 10.59 -11.82 -38.05
C GLY D 28 9.33 -11.42 -37.31
N ARG D 29 9.49 -10.77 -36.15
CA ARG D 29 8.38 -10.29 -35.36
C ARG D 29 8.75 -8.95 -34.73
N THR D 30 7.73 -8.16 -34.39
CA THR D 30 7.94 -6.89 -33.72
C THR D 30 8.03 -7.11 -32.22
N ILE D 31 9.01 -6.46 -31.60
CA ILE D 31 9.28 -6.65 -30.15
C ILE D 31 8.36 -5.75 -29.31
N SER D 32 7.53 -4.93 -29.94
CA SER D 32 6.77 -3.94 -29.19
C SER D 32 5.84 -4.58 -28.17
N ARG D 33 5.51 -5.87 -28.33
CA ARG D 33 4.56 -6.54 -27.47
C ARG D 33 5.19 -7.58 -26.55
N TYR D 34 6.49 -7.85 -26.71
CA TYR D 34 7.10 -8.96 -25.93
C TYR D 34 8.26 -8.50 -25.09
N ALA D 35 8.56 -9.23 -24.01
CA ALA D 35 9.75 -8.89 -23.19
C ALA D 35 10.99 -9.43 -23.90
N MET D 36 12.16 -8.86 -23.61
CA MET D 36 13.38 -9.24 -24.31
C MET D 36 14.49 -9.43 -23.29
N SER D 37 15.01 -10.65 -23.19
CA SER D 37 15.89 -11.03 -22.09
C SER D 37 17.31 -11.33 -22.59
N TRP D 38 18.28 -10.95 -21.77
CA TRP D 38 19.68 -11.28 -21.97
C TRP D 38 20.12 -12.29 -20.92
N PHE D 39 20.78 -13.35 -21.39
CA PHE D 39 21.32 -14.42 -20.56
C PHE D 39 22.81 -14.54 -20.86
N ARG D 40 23.59 -14.95 -19.87
CA ARG D 40 25.01 -15.20 -20.09
C ARG D 40 25.35 -16.62 -19.67
N GLN D 41 26.30 -17.22 -20.37
CA GLN D 41 26.79 -18.57 -20.09
C GLN D 41 28.32 -18.51 -20.06
N ALA D 42 28.89 -18.76 -18.90
CA ALA D 42 30.33 -18.84 -18.79
C ALA D 42 30.82 -20.20 -19.32
N PRO D 43 32.05 -20.26 -19.84
CA PRO D 43 32.57 -21.56 -20.31
C PRO D 43 32.64 -22.61 -19.21
N GLY D 44 32.86 -22.19 -17.97
CA GLY D 44 32.92 -23.13 -16.85
C GLY D 44 31.68 -23.13 -15.99
N LYS D 45 30.58 -22.57 -16.50
CA LYS D 45 29.33 -22.51 -15.76
C LYS D 45 28.16 -22.80 -16.69
N GLU D 46 26.96 -22.72 -16.13
CA GLU D 46 25.73 -22.90 -16.89
C GLU D 46 25.15 -21.55 -17.29
N ARG D 47 24.04 -21.58 -18.01
CA ARG D 47 23.40 -20.35 -18.47
C ARG D 47 22.76 -19.61 -17.30
N GLU D 48 23.03 -18.31 -17.24
CA GLU D 48 22.60 -17.47 -16.12
C GLU D 48 21.82 -16.27 -16.65
N PHE D 49 20.72 -15.95 -15.98
CA PHE D 49 19.93 -14.79 -16.34
C PHE D 49 20.69 -13.51 -16.01
N VAL D 50 20.74 -12.59 -16.98
CA VAL D 50 21.39 -11.30 -16.81
C VAL D 50 20.36 -10.19 -16.63
N ALA D 51 19.49 -9.99 -17.60
CA ALA D 51 18.54 -8.89 -17.50
C ALA D 51 17.34 -9.15 -18.39
N VAL D 52 16.27 -8.42 -18.15
CA VAL D 52 15.08 -8.45 -18.99
C VAL D 52 14.59 -7.03 -19.18
N ALA D 53 14.36 -6.64 -20.44
CA ALA D 53 13.71 -5.39 -20.76
C ALA D 53 12.29 -5.70 -21.18
N ARG D 54 11.34 -5.32 -20.34
CA ARG D 54 9.93 -5.54 -20.64
C ARG D 54 9.42 -4.45 -21.57
N ARG D 55 8.12 -4.48 -21.85
CA ARG D 55 7.53 -3.45 -22.70
C ARG D 55 7.72 -2.08 -22.08
N SER D 56 7.90 -1.08 -22.94
CA SER D 56 8.20 0.27 -22.51
C SER D 56 7.20 0.75 -21.46
N GLY D 57 7.72 1.12 -20.29
CA GLY D 57 6.91 1.50 -19.15
C GLY D 57 6.69 0.40 -18.14
N ASP D 58 6.95 -0.85 -18.51
CA ASP D 58 6.78 -1.98 -17.61
C ASP D 58 8.03 -2.32 -16.81
N GLY D 59 9.11 -1.55 -16.99
CA GLY D 59 10.30 -1.72 -16.19
C GLY D 59 11.33 -2.61 -16.85
N ALA D 60 12.51 -2.62 -16.25
CA ALA D 60 13.64 -3.44 -16.69
C ALA D 60 14.27 -4.07 -15.46
N PHE D 61 14.33 -5.39 -15.42
CA PHE D 61 14.81 -6.09 -14.25
C PHE D 61 16.17 -6.71 -14.50
N TYR D 62 16.96 -6.85 -13.43
CA TYR D 62 18.34 -7.27 -13.55
C TYR D 62 18.64 -8.36 -12.53
N ALA D 63 19.67 -9.15 -12.82
CA ALA D 63 20.18 -10.13 -11.88
C ALA D 63 20.95 -9.43 -10.76
N ASP D 64 21.21 -10.17 -9.69
CA ASP D 64 21.91 -9.60 -8.54
C ASP D 64 23.34 -9.22 -8.90
N SER D 65 24.01 -10.05 -9.71
CA SER D 65 25.40 -9.79 -10.05
C SER D 65 25.55 -8.52 -10.90
N VAL D 66 24.64 -8.32 -11.86
CA VAL D 66 24.77 -7.19 -12.78
C VAL D 66 24.05 -5.94 -12.30
N GLN D 67 23.38 -5.99 -11.15
CA GLN D 67 22.65 -4.83 -10.66
C GLN D 67 23.59 -3.67 -10.39
N GLY D 68 23.22 -2.49 -10.89
CA GLY D 68 24.01 -1.29 -10.69
C GLY D 68 25.07 -1.03 -11.74
N ARG D 69 25.34 -2.01 -12.62
CA ARG D 69 26.34 -1.83 -13.67
C ARG D 69 25.71 -1.90 -15.06
N PHE D 70 24.92 -2.95 -15.30
CA PHE D 70 24.35 -3.18 -16.62
C PHE D 70 23.02 -2.44 -16.74
N THR D 71 22.66 -2.07 -17.97
CA THR D 71 21.39 -1.42 -18.26
C THR D 71 20.85 -1.94 -19.58
N VAL D 72 19.57 -2.28 -19.60
CA VAL D 72 18.93 -2.78 -20.82
C VAL D 72 18.08 -1.66 -21.39
N SER D 73 18.43 -1.24 -22.60
CA SER D 73 17.67 -0.26 -23.37
C SER D 73 16.89 -0.99 -24.46
N ARG D 74 15.83 -0.34 -24.94
CA ARG D 74 14.85 -0.99 -25.81
C ARG D 74 14.45 -0.02 -26.92
N ASP D 75 15.02 -0.19 -28.11
CA ASP D 75 14.65 0.62 -29.28
C ASP D 75 13.62 -0.17 -30.07
N ASP D 76 12.35 0.16 -29.81
CA ASP D 76 11.25 -0.56 -30.45
C ASP D 76 11.14 -0.24 -31.93
N ALA D 77 11.53 0.97 -32.34
CA ALA D 77 11.44 1.35 -33.75
C ALA D 77 12.33 0.47 -34.61
N LYS D 78 13.56 0.21 -34.16
CA LYS D 78 14.49 -0.64 -34.88
C LYS D 78 14.39 -2.10 -34.49
N ASN D 79 13.46 -2.45 -33.59
CA ASN D 79 13.33 -3.81 -33.08
C ASN D 79 14.64 -4.33 -32.52
N THR D 80 15.27 -3.51 -31.68
CA THR D 80 16.59 -3.80 -31.13
C THR D 80 16.56 -3.66 -29.62
N VAL D 81 17.33 -4.49 -28.93
CA VAL D 81 17.49 -4.39 -27.48
C VAL D 81 18.98 -4.32 -27.16
N TYR D 82 19.37 -3.32 -26.38
CA TYR D 82 20.77 -3.08 -26.08
C TYR D 82 21.06 -3.39 -24.62
N LEU D 83 22.27 -3.90 -24.38
CA LEU D 83 22.78 -4.16 -23.04
C LEU D 83 24.07 -3.36 -22.87
N GLN D 84 24.07 -2.41 -21.95
CA GLN D 84 25.23 -1.59 -21.66
C GLN D 84 25.88 -2.09 -20.37
N MET D 85 27.14 -2.52 -20.48
CA MET D 85 27.89 -3.02 -19.34
C MET D 85 28.96 -2.02 -18.97
N ASN D 86 28.99 -1.64 -17.69
CA ASN D 86 30.00 -0.75 -17.14
C ASN D 86 30.66 -1.45 -15.96
N SER D 87 31.92 -1.07 -15.71
CA SER D 87 32.73 -1.67 -14.65
C SER D 87 32.81 -3.19 -14.81
N LEU D 88 33.15 -3.60 -16.04
CA LEU D 88 33.22 -5.02 -16.35
C LEU D 88 34.31 -5.70 -15.51
N LYS D 89 34.03 -6.94 -15.13
CA LYS D 89 34.94 -7.76 -14.34
C LYS D 89 35.31 -9.02 -15.10
N PRO D 90 36.41 -9.68 -14.73
CA PRO D 90 36.74 -10.95 -15.38
C PRO D 90 35.68 -12.01 -15.21
N GLU D 91 34.85 -11.90 -14.17
CA GLU D 91 33.74 -12.83 -13.99
C GLU D 91 32.68 -12.67 -15.08
N ASP D 92 32.70 -11.54 -15.79
CA ASP D 92 31.73 -11.29 -16.85
C ASP D 92 32.14 -11.91 -18.18
N THR D 93 33.28 -12.56 -18.25
CA THR D 93 33.72 -13.23 -19.48
C THR D 93 32.80 -14.42 -19.75
N ALA D 94 31.96 -14.31 -20.76
CA ALA D 94 30.96 -15.34 -21.04
C ALA D 94 30.39 -15.09 -22.44
N VAL D 95 29.57 -16.03 -22.89
CA VAL D 95 28.81 -15.86 -24.14
C VAL D 95 27.43 -15.34 -23.76
N TYR D 96 27.03 -14.23 -24.37
CA TYR D 96 25.74 -13.61 -24.10
C TYR D 96 24.75 -13.98 -25.20
N TYR D 97 23.62 -14.55 -24.79
CA TYR D 97 22.52 -14.86 -25.68
C TYR D 97 21.33 -13.97 -25.37
N CYS D 98 20.46 -13.84 -26.35
CA CYS D 98 19.28 -12.98 -26.27
C CYS D 98 18.07 -13.81 -26.65
N ALA D 99 17.02 -13.74 -25.83
CA ALA D 99 15.80 -14.49 -26.04
C ALA D 99 14.61 -13.55 -25.99
N ILE D 100 13.51 -13.98 -26.58
CA ILE D 100 12.28 -13.19 -26.61
C ILE D 100 11.20 -13.98 -25.87
N ASP D 101 10.56 -13.32 -24.90
CA ASP D 101 9.53 -13.95 -24.09
C ASP D 101 8.24 -13.98 -24.89
N SER D 102 7.85 -15.17 -25.37
CA SER D 102 6.68 -15.28 -26.23
C SER D 102 5.39 -14.90 -25.49
N ASP D 103 5.36 -15.10 -24.18
CA ASP D 103 4.17 -14.74 -23.41
C ASP D 103 4.15 -13.23 -23.18
N THR D 104 3.05 -12.59 -23.57
CA THR D 104 2.87 -11.17 -23.29
C THR D 104 2.61 -10.88 -21.82
N PHE D 105 2.35 -11.91 -21.02
CA PHE D 105 2.15 -11.77 -19.59
C PHE D 105 3.42 -11.97 -18.79
N TYR D 106 4.56 -12.13 -19.45
CA TYR D 106 5.88 -12.14 -18.81
C TYR D 106 6.09 -13.38 -17.96
N SER D 107 5.63 -14.52 -18.46
CA SER D 107 5.80 -15.79 -17.76
C SER D 107 7.06 -16.53 -18.17
N GLY D 108 7.98 -15.85 -18.84
CA GLY D 108 9.27 -16.43 -19.19
C GLY D 108 9.21 -17.57 -20.18
N SER D 109 8.42 -17.42 -21.24
CA SER D 109 8.33 -18.43 -22.29
C SER D 109 9.30 -18.07 -23.42
N TYR D 110 10.54 -18.53 -23.26
CA TYR D 110 11.61 -18.23 -24.22
C TYR D 110 11.63 -19.31 -25.30
N ASP D 111 11.05 -18.99 -26.45
CA ASP D 111 11.01 -19.93 -27.57
C ASP D 111 12.10 -19.67 -28.59
N TYR D 112 12.36 -18.41 -28.90
CA TYR D 112 13.35 -18.04 -29.91
C TYR D 112 14.57 -17.45 -29.20
N TRP D 113 15.69 -18.17 -29.30
CA TRP D 113 16.95 -17.71 -28.74
C TRP D 113 17.86 -17.17 -29.85
N GLY D 114 18.90 -16.46 -29.43
CA GLY D 114 19.84 -15.86 -30.36
C GLY D 114 21.14 -16.65 -30.45
N GLN D 115 21.98 -16.23 -31.41
CA GLN D 115 23.26 -16.94 -31.67
C GLN D 115 24.30 -16.60 -30.59
N GLY D 116 24.28 -15.36 -30.08
CA GLY D 116 25.17 -15.01 -28.95
C GLY D 116 26.46 -14.33 -29.35
N THR D 117 27.11 -13.66 -28.40
CA THR D 117 28.39 -13.02 -28.66
C THR D 117 29.31 -13.26 -27.46
N GLN D 118 30.57 -13.57 -27.72
CA GLN D 118 31.53 -13.80 -26.64
C GLN D 118 32.08 -12.47 -26.16
N VAL D 119 31.98 -12.22 -24.86
CA VAL D 119 32.50 -11.02 -24.23
C VAL D 119 33.58 -11.47 -23.25
N THR D 120 34.82 -11.10 -23.53
CA THR D 120 35.97 -11.51 -22.71
C THR D 120 36.53 -10.28 -22.00
N VAL D 121 36.71 -10.39 -20.69
CA VAL D 121 37.23 -9.29 -19.90
C VAL D 121 38.59 -9.64 -19.32
#